data_4OOW
#
_entry.id   4OOW
#
_cell.length_a   106.600
_cell.length_b   108.870
_cell.length_c   134.970
_cell.angle_alpha   90.00
_cell.angle_beta   90.00
_cell.angle_gamma   90.00
#
_symmetry.space_group_name_H-M   'P 21 21 21'
#
loop_
_entity.id
_entity.type
_entity.pdbx_description
1 polymer 'RNA-directed RNA polymerase'
2 non-polymer CATECHOL
3 water water
#
_entity_poly.entity_id   1
_entity_poly.type   'polypeptide(L)'
_entity_poly.pdbx_seq_one_letter_code
;SMSYTWTGALITPCAAEESKLPINPLSNSLLRHHNMVYATTSRSASLRQKKVTFDRLQVLDDHYRDVLKEMKAKASTVKA
KLLSIEEACKLTPPHSAKSKFGYGAKDVRNLSSRAVNHIRSVWEDLLEDTETPIDTTIMAKSEVFCVQPEKGGRKPARLI
VFPDLGVRVCEKMALYDVVSTLPQAVMGSSYGFQYSPKQRVEFLVNTWKSKKCPMGFSYDTRCFDSTVTESDIRVEESIY
QCCDLAPEARQAIRSLTERLYIGGPLTNSKGQNCGYRRCRASGVLTTSCGNTLTCYLKATAACRAAKLQDCTMLVNGDDL
VVICESAGTQEDAAALRAFTEAMTRYSAPPGDPPQPEYDLELITSCSSNVSVAHDASGKRVYYLTRDPTTPLARAAWETA
RHTPINSWLGNIIMYAPTLWARMILMTHFFSILLAQEQLEKALDCQIYGACYSIEPLDLPQIIERLHGLSAFTLHSYSPG
EINRVASCLRKLGVPPLRTWRHRARSVRAKLLSQGGRAATCGRYLFNWAVRTKLKLTPIPAASQLDLSGWFVAGYSGGDI
YHSLSRARPRLEHHHHHH
;
_entity_poly.pdbx_strand_id   A,B
#
loop_
_chem_comp.id
_chem_comp.type
_chem_comp.name
_chem_comp.formula
CAQ non-polymer CATECHOL 'C6 H6 O2'
#
# COMPACT_ATOMS: atom_id res chain seq x y z
N SER A 1 25.72 -3.45 1.42
CA SER A 1 26.33 -2.85 2.64
C SER A 1 26.74 -3.91 3.70
N MET A 2 27.48 -3.47 4.72
CA MET A 2 27.90 -4.33 5.83
C MET A 2 26.75 -4.58 6.80
N SER A 3 26.52 -5.84 7.12
CA SER A 3 25.41 -6.18 8.00
C SER A 3 25.59 -5.49 9.34
N TYR A 4 26.85 -5.44 9.81
CA TYR A 4 27.19 -4.82 11.09
C TYR A 4 28.57 -4.13 11.02
N THR A 5 28.75 -3.14 11.89
CA THR A 5 30.02 -2.49 12.10
C THR A 5 30.28 -2.46 13.59
N TRP A 6 31.51 -2.66 14.01
CA TRP A 6 31.82 -2.82 15.44
C TRP A 6 32.87 -1.82 15.88
N THR A 7 32.68 -1.25 17.06
CA THR A 7 33.62 -0.30 17.62
C THR A 7 34.79 -1.01 18.28
N GLY A 8 34.62 -2.30 18.60
CA GLY A 8 35.60 -3.05 19.39
C GLY A 8 35.11 -3.36 20.80
N ALA A 9 34.26 -2.49 21.34
CA ALA A 9 33.66 -2.67 22.66
C ALA A 9 32.91 -3.99 22.76
N LEU A 10 32.97 -4.61 23.92
CA LEU A 10 32.48 -5.98 24.07
C LEU A 10 30.97 -6.07 24.27
N ILE A 11 30.44 -7.24 23.92
CA ILE A 11 29.05 -7.60 24.14
C ILE A 11 28.97 -8.22 25.51
N THR A 12 28.35 -7.52 26.44
CA THR A 12 28.48 -7.85 27.83
C THR A 12 27.25 -8.54 28.39
N PRO A 13 27.39 -9.27 29.52
CA PRO A 13 26.25 -9.81 30.25
C PRO A 13 25.76 -8.82 31.30
N CYS A 14 24.50 -8.94 31.71
CA CYS A 14 23.95 -8.08 32.76
C CYS A 14 23.69 -8.83 34.08
N ALA A 15 23.99 -10.13 34.10
CA ALA A 15 23.86 -10.95 35.30
C ALA A 15 24.94 -12.03 35.30
N ALA A 16 24.97 -12.85 36.34
CA ALA A 16 25.79 -14.07 36.36
C ALA A 16 25.39 -14.95 35.18
N GLU A 17 26.38 -15.64 34.60
CA GLU A 17 26.16 -16.44 33.38
C GLU A 17 26.58 -17.90 33.56
N GLU A 18 25.58 -18.77 33.63
CA GLU A 18 25.72 -20.18 33.96
C GLU A 18 25.84 -21.01 32.68
N SER A 19 26.71 -22.03 32.68
CA SER A 19 27.06 -22.74 31.43
C SER A 19 27.13 -24.29 31.48
N LYS A 20 27.19 -24.85 32.69
CA LYS A 20 27.36 -26.29 32.89
C LYS A 20 26.07 -26.86 33.51
N LEU A 21 25.64 -28.05 33.11
CA LEU A 21 24.47 -28.69 33.77
C LEU A 21 24.95 -29.23 35.09
N PRO A 22 24.34 -28.78 36.20
CA PRO A 22 24.79 -29.24 37.52
C PRO A 22 24.35 -30.67 37.89
N ILE A 23 25.08 -31.26 38.85
CA ILE A 23 24.77 -32.59 39.32
C ILE A 23 23.62 -32.44 40.33
N ASN A 24 22.45 -32.96 39.95
CA ASN A 24 21.21 -32.86 40.72
C ASN A 24 20.45 -34.20 40.63
N PRO A 25 19.96 -34.72 41.76
CA PRO A 25 19.30 -36.02 41.70
C PRO A 25 18.07 -36.06 40.80
N LEU A 26 17.42 -34.92 40.62
CA LEU A 26 16.22 -34.85 39.78
C LEU A 26 16.57 -34.91 38.30
N SER A 27 17.56 -34.12 37.87
CA SER A 27 17.99 -34.15 36.48
C SER A 27 18.75 -35.46 36.15
N ASN A 28 19.51 -35.97 37.10
CA ASN A 28 20.30 -37.20 36.85
C ASN A 28 19.42 -38.47 36.62
N SER A 29 18.20 -38.46 37.17
CA SER A 29 17.21 -39.50 36.92
C SER A 29 16.74 -39.52 35.47
N LEU A 30 16.81 -38.35 34.83
CA LEU A 30 16.43 -38.20 33.43
C LEU A 30 17.61 -38.46 32.53
N LEU A 31 18.72 -37.77 32.76
CA LEU A 31 19.92 -37.93 31.92
C LEU A 31 21.22 -37.80 32.70
N ARG A 32 22.17 -38.65 32.39
CA ARG A 32 23.29 -38.91 33.27
C ARG A 32 24.58 -38.31 32.75
N HIS A 33 24.76 -38.26 31.42
CA HIS A 33 25.92 -37.62 30.81
C HIS A 33 25.77 -36.09 30.91
N HIS A 34 25.76 -35.58 32.13
CA HIS A 34 25.55 -34.16 32.40
C HIS A 34 26.57 -33.21 31.76
N ASN A 35 27.78 -33.71 31.48
CA ASN A 35 28.85 -32.90 30.85
C ASN A 35 28.68 -32.74 29.35
N MET A 36 27.66 -33.38 28.79
CA MET A 36 27.35 -33.22 27.39
C MET A 36 26.37 -32.07 27.17
N VAL A 37 25.79 -31.52 28.24
CA VAL A 37 24.80 -30.45 28.15
C VAL A 37 25.42 -29.09 28.56
N TYR A 38 25.20 -28.06 27.72
CA TYR A 38 25.79 -26.74 27.94
C TYR A 38 24.84 -25.64 27.53
N ALA A 39 24.93 -24.49 28.20
CA ALA A 39 24.29 -23.25 27.76
C ALA A 39 25.32 -22.32 27.10
N THR A 40 24.92 -21.69 26.00
CA THR A 40 25.69 -20.62 25.38
C THR A 40 25.81 -19.45 26.35
N THR A 41 26.94 -18.75 26.29
CA THR A 41 27.18 -17.51 27.04
C THR A 41 27.82 -16.43 26.16
N SER A 42 27.99 -15.23 26.72
CA SER A 42 28.58 -14.09 26.00
C SER A 42 30.06 -14.29 25.71
N ARG A 43 30.69 -15.20 26.46
CA ARG A 43 32.06 -15.62 26.19
C ARG A 43 32.28 -16.07 24.74
N SER A 44 31.21 -16.40 24.02
CA SER A 44 31.29 -16.88 22.64
C SER A 44 30.75 -15.84 21.64
N ALA A 45 30.46 -14.64 22.13
CA ALA A 45 29.83 -13.61 21.31
C ALA A 45 30.62 -13.25 20.06
N SER A 46 31.92 -13.07 20.24
CA SER A 46 32.85 -12.72 19.12
C SER A 46 32.85 -13.71 17.97
N LEU A 47 32.66 -14.99 18.26
CA LEU A 47 32.59 -16.02 17.22
C LEU A 47 31.35 -15.83 16.37
N ARG A 48 30.23 -15.47 17.00
CA ARG A 48 28.98 -15.21 16.29
C ARG A 48 29.12 -13.97 15.47
N GLN A 49 29.61 -12.91 16.09
CA GLN A 49 29.85 -11.66 15.39
C GLN A 49 30.59 -11.90 14.08
N LYS A 50 31.67 -12.68 14.13
CA LYS A 50 32.40 -13.01 12.92
C LYS A 50 31.47 -13.61 11.88
N LYS A 51 30.62 -14.55 12.29
CA LYS A 51 29.69 -15.20 11.35
C LYS A 51 28.61 -14.27 10.78
N VAL A 52 28.10 -13.35 11.61
CA VAL A 52 26.95 -12.51 11.19
C VAL A 52 27.36 -11.23 10.42
N THR A 53 28.65 -10.94 10.40
CA THR A 53 29.14 -9.70 9.84
C THR A 53 29.67 -9.98 8.47
N PHE A 54 28.98 -9.47 7.44
CA PHE A 54 29.46 -9.59 6.07
C PHE A 54 28.86 -8.56 5.12
N ASP A 55 29.39 -8.53 3.89
CA ASP A 55 28.87 -7.69 2.83
C ASP A 55 27.77 -8.42 2.08
N ARG A 56 26.69 -7.72 1.79
CA ARG A 56 25.54 -8.34 1.14
C ARG A 56 25.54 -8.01 -0.34
N LEU A 57 25.44 -9.03 -1.17
CA LEU A 57 25.17 -8.80 -2.59
C LEU A 57 23.68 -9.03 -2.81
N GLN A 58 23.03 -8.06 -3.45
CA GLN A 58 21.62 -8.16 -3.76
C GLN A 58 21.38 -7.48 -5.08
N VAL A 59 20.69 -8.21 -5.96
CA VAL A 59 20.33 -7.78 -7.29
C VAL A 59 18.90 -8.22 -7.55
N LEU A 60 18.00 -7.28 -7.77
CA LEU A 60 16.60 -7.58 -8.01
C LEU A 60 16.30 -7.72 -9.51
N ASP A 61 15.23 -8.41 -9.86
CA ASP A 61 14.87 -8.63 -11.26
C ASP A 61 13.35 -8.58 -11.48
N ASP A 62 12.89 -8.90 -12.70
CA ASP A 62 11.47 -8.85 -13.06
C ASP A 62 10.61 -9.78 -12.20
N HIS A 63 11.10 -10.99 -11.98
CA HIS A 63 10.36 -11.97 -11.19
C HIS A 63 10.13 -11.44 -9.76
N TYR A 64 11.16 -10.86 -9.16
CA TYR A 64 11.04 -10.30 -7.81
C TYR A 64 9.92 -9.26 -7.82
N ARG A 65 10.04 -8.28 -8.73
CA ARG A 65 9.07 -7.21 -8.84
C ARG A 65 7.65 -7.68 -9.14
N ASP A 66 7.55 -8.68 -10.01
CA ASP A 66 6.30 -9.34 -10.30
C ASP A 66 5.59 -9.91 -9.07
N VAL A 67 6.34 -10.60 -8.21
CA VAL A 67 5.73 -11.25 -7.04
C VAL A 67 5.39 -10.18 -6.01
N LEU A 68 6.24 -9.17 -5.92
CA LEU A 68 6.04 -8.07 -4.97
C LEU A 68 4.68 -7.44 -5.23
N LYS A 69 4.36 -7.18 -6.49
CA LYS A 69 3.09 -6.54 -6.83
C LYS A 69 1.89 -7.42 -6.55
N GLU A 70 1.98 -8.71 -6.87
CA GLU A 70 0.93 -9.66 -6.52
C GLU A 70 0.62 -9.59 -5.00
N MET A 71 1.69 -9.52 -4.19
CA MET A 71 1.58 -9.54 -2.74
C MET A 71 0.93 -8.24 -2.26
N LYS A 72 1.37 -7.13 -2.85
CA LYS A 72 0.79 -5.79 -2.57
C LYS A 72 -0.70 -5.69 -2.93
N ALA A 73 -1.11 -6.31 -4.02
CA ALA A 73 -2.54 -6.39 -4.37
C ALA A 73 -3.37 -7.03 -3.26
N LYS A 74 -2.90 -8.14 -2.72
CA LYS A 74 -3.64 -8.82 -1.65
C LYS A 74 -3.53 -8.06 -0.33
N ALA A 75 -2.43 -7.36 -0.11
CA ALA A 75 -2.26 -6.54 1.09
C ALA A 75 -3.28 -5.41 1.17
N SER A 76 -3.64 -4.86 0.01
CA SER A 76 -4.64 -3.78 -0.15
C SER A 76 -6.03 -4.11 0.40
N THR A 77 -6.30 -5.38 0.68
CA THR A 77 -7.61 -5.83 1.19
C THR A 77 -7.72 -5.64 2.69
N VAL A 78 -6.62 -5.30 3.33
CA VAL A 78 -6.52 -5.31 4.79
C VAL A 78 -6.81 -3.95 5.38
N LYS A 79 -7.67 -3.93 6.38
CA LYS A 79 -7.89 -2.78 7.21
C LYS A 79 -7.27 -3.12 8.56
N ALA A 80 -6.49 -2.19 9.13
CA ALA A 80 -5.76 -2.43 10.37
C ALA A 80 -6.03 -1.32 11.36
N LYS A 81 -6.22 -1.68 12.61
CA LYS A 81 -6.59 -0.68 13.59
C LYS A 81 -5.39 -0.39 14.49
N LEU A 82 -5.44 0.75 15.16
CA LEU A 82 -4.50 1.05 16.22
C LEU A 82 -4.98 0.36 17.47
N LEU A 83 -4.07 -0.24 18.20
CA LEU A 83 -4.40 -0.63 19.55
C LEU A 83 -4.39 0.61 20.40
N SER A 84 -5.25 0.61 21.40
CA SER A 84 -5.19 1.58 22.45
C SER A 84 -3.97 1.25 23.33
N ILE A 85 -3.61 2.17 24.21
CA ILE A 85 -2.54 1.95 25.17
C ILE A 85 -2.86 0.75 26.06
N GLU A 86 -4.10 0.66 26.53
CA GLU A 86 -4.51 -0.42 27.40
C GLU A 86 -4.29 -1.80 26.78
N GLU A 87 -4.70 -1.98 25.52
CA GLU A 87 -4.57 -3.27 24.84
C GLU A 87 -3.09 -3.61 24.66
N ALA A 88 -2.30 -2.63 24.28
CA ALA A 88 -0.89 -2.88 24.02
C ALA A 88 -0.20 -3.21 25.32
N CYS A 89 -0.59 -2.53 26.40
CA CYS A 89 -0.01 -2.82 27.70
C CYS A 89 -0.37 -4.25 28.15
N LYS A 90 -1.63 -4.65 27.97
CA LYS A 90 -2.05 -6.03 28.32
C LYS A 90 -1.36 -7.11 27.48
N LEU A 91 -0.70 -6.71 26.38
CA LEU A 91 0.06 -7.65 25.57
C LEU A 91 1.52 -7.81 26.02
N THR A 92 1.95 -7.01 27.00
CA THR A 92 3.35 -7.07 27.44
C THR A 92 3.61 -8.19 28.47
N PRO A 93 4.60 -9.05 28.20
CA PRO A 93 4.94 -10.06 29.20
C PRO A 93 5.28 -9.47 30.58
N PRO A 94 4.77 -10.08 31.66
CA PRO A 94 5.14 -9.69 33.04
C PRO A 94 6.67 -9.67 33.36
N HIS A 95 7.47 -10.48 32.67
CA HIS A 95 8.93 -10.53 32.91
C HIS A 95 9.72 -9.94 31.76
N SER A 96 9.05 -9.08 30.99
CA SER A 96 9.70 -8.31 29.91
C SER A 96 10.72 -7.36 30.52
N ALA A 97 11.75 -7.04 29.76
CA ALA A 97 12.84 -6.21 30.27
C ALA A 97 12.39 -4.77 30.55
N LYS A 98 12.79 -4.25 31.70
CA LYS A 98 12.35 -2.95 32.15
C LYS A 98 12.87 -1.82 31.28
N SER A 99 12.28 -0.65 31.43
CA SER A 99 12.76 0.55 30.75
C SER A 99 13.99 1.14 31.43
N LYS A 100 14.79 1.86 30.65
CA LYS A 100 15.85 2.71 31.20
C LYS A 100 15.30 3.96 31.91
N PHE A 101 14.03 4.28 31.72
CA PHE A 101 13.47 5.53 32.17
C PHE A 101 12.60 5.33 33.43
N GLY A 102 12.94 4.31 34.21
CA GLY A 102 12.39 4.11 35.56
C GLY A 102 11.03 3.43 35.74
N TYR A 103 10.73 2.45 34.89
CA TYR A 103 9.50 1.69 35.00
C TYR A 103 9.70 0.33 34.35
N GLY A 104 8.94 -0.66 34.80
CA GLY A 104 9.07 -2.04 34.31
C GLY A 104 7.78 -2.62 33.78
N ALA A 105 7.80 -3.92 33.50
CA ALA A 105 6.66 -4.61 32.94
C ALA A 105 5.46 -4.63 33.89
N LYS A 106 5.69 -4.76 35.19
CA LYS A 106 4.57 -4.75 36.11
C LYS A 106 3.84 -3.40 36.05
N ASP A 107 4.60 -2.30 35.92
CA ASP A 107 4.03 -0.94 35.85
C ASP A 107 3.25 -0.72 34.58
N VAL A 108 3.85 -1.16 33.47
CA VAL A 108 3.19 -1.14 32.17
C VAL A 108 1.85 -1.87 32.28
N ARG A 109 1.88 -3.10 32.79
CA ARG A 109 0.66 -3.93 32.84
C ARG A 109 -0.44 -3.33 33.74
N ASN A 110 -0.03 -2.56 34.74
CA ASN A 110 -0.96 -1.85 35.63
C ASN A 110 -1.38 -0.48 35.10
N LEU A 111 -0.79 -0.03 34.00
CA LEU A 111 -1.06 1.31 33.49
C LEU A 111 -0.73 2.38 34.53
N SER A 112 0.38 2.16 35.23
CA SER A 112 0.86 3.12 36.22
C SER A 112 1.07 4.44 35.49
N SER A 113 0.89 5.55 36.21
CA SER A 113 0.88 6.88 35.57
C SER A 113 2.20 7.22 34.90
N ARG A 114 3.28 6.67 35.44
CA ARG A 114 4.62 6.97 34.96
C ARG A 114 4.87 6.27 33.59
N ALA A 115 4.66 4.96 33.56
CA ALA A 115 4.77 4.21 32.32
C ALA A 115 3.89 4.80 31.24
N VAL A 116 2.63 5.01 31.56
CA VAL A 116 1.69 5.54 30.58
C VAL A 116 2.18 6.85 29.95
N ASN A 117 2.71 7.77 30.77
CA ASN A 117 3.16 9.07 30.27
C ASN A 117 4.39 8.99 29.41
N HIS A 118 5.33 8.14 29.80
CA HIS A 118 6.50 7.88 28.96
C HIS A 118 6.09 7.20 27.65
N ILE A 119 5.13 6.30 27.69
CA ILE A 119 4.62 5.70 26.47
C ILE A 119 4.03 6.76 25.53
N ARG A 120 3.18 7.64 26.06
CA ARG A 120 2.67 8.80 25.30
C ARG A 120 3.81 9.64 24.67
N SER A 121 4.88 9.92 25.43
CA SER A 121 6.02 10.67 24.91
C SER A 121 6.66 10.00 23.72
N VAL A 122 6.97 8.71 23.88
CA VAL A 122 7.69 7.97 22.85
C VAL A 122 6.88 7.97 21.56
N TRP A 123 5.57 7.84 21.72
CA TRP A 123 4.65 7.82 20.59
C TRP A 123 4.64 9.18 19.89
N GLU A 124 4.41 10.22 20.67
CA GLU A 124 4.40 11.55 20.13
C GLU A 124 5.74 11.84 19.44
N ASP A 125 6.85 11.34 20.01
CA ASP A 125 8.17 11.48 19.39
C ASP A 125 8.26 10.79 18.04
N LEU A 126 7.67 9.60 17.93
CA LEU A 126 7.57 8.92 16.63
C LEU A 126 6.72 9.74 15.63
N LEU A 127 5.68 10.42 16.09
CA LEU A 127 4.94 11.27 15.16
C LEU A 127 5.71 12.53 14.72
N GLU A 128 6.63 13.00 15.56
CA GLU A 128 7.35 14.24 15.30
C GLU A 128 8.68 14.01 14.59
N ASP A 129 9.41 12.97 14.97
CA ASP A 129 10.76 12.76 14.46
C ASP A 129 10.76 11.59 13.49
N THR A 130 11.12 11.86 12.23
CA THR A 130 11.17 10.83 11.19
C THR A 130 12.56 10.32 10.83
N GLU A 131 13.61 10.79 11.53
CA GLU A 131 14.98 10.39 11.20
C GLU A 131 15.81 9.83 12.35
N THR A 132 15.78 10.42 13.54
CA THR A 132 16.81 10.09 14.52
C THR A 132 16.82 8.59 14.80
N PRO A 133 17.97 7.91 14.60
CA PRO A 133 17.95 6.50 14.92
C PRO A 133 17.70 6.21 16.39
N ILE A 134 17.01 5.12 16.64
CA ILE A 134 16.53 4.78 17.96
C ILE A 134 17.49 3.77 18.55
N ASP A 135 17.77 3.88 19.84
CA ASP A 135 18.79 3.02 20.45
C ASP A 135 18.27 1.59 20.66
N THR A 136 19.19 0.64 20.50
CA THR A 136 18.93 -0.76 20.78
C THR A 136 19.95 -1.28 21.80
N THR A 137 19.56 -2.31 22.52
CA THR A 137 20.49 -3.07 23.33
C THR A 137 20.85 -4.36 22.59
N ILE A 138 22.09 -4.82 22.79
CA ILE A 138 22.56 -6.08 22.20
C ILE A 138 23.07 -6.99 23.30
N MET A 139 22.68 -8.25 23.25
CA MET A 139 22.94 -9.22 24.31
C MET A 139 23.15 -10.57 23.67
N ALA A 140 23.98 -11.40 24.30
CA ALA A 140 24.15 -12.77 23.91
C ALA A 140 23.05 -13.63 24.56
N LYS A 141 22.31 -14.39 23.73
CA LYS A 141 21.26 -15.27 24.23
CA LYS A 141 21.26 -15.32 24.17
C LYS A 141 21.82 -16.45 25.02
N SER A 142 21.13 -16.85 26.08
CA SER A 142 21.46 -18.11 26.81
C SER A 142 20.61 -19.27 26.27
N GLU A 143 21.23 -20.19 25.53
CA GLU A 143 20.51 -21.34 24.99
C GLU A 143 21.24 -22.67 25.24
N VAL A 144 20.46 -23.74 25.47
CA VAL A 144 20.98 -25.06 25.85
C VAL A 144 21.00 -26.04 24.68
N PHE A 145 22.06 -26.84 24.60
CA PHE A 145 22.24 -27.84 23.54
C PHE A 145 23.05 -29.02 24.08
N CYS A 146 23.16 -30.08 23.26
CA CYS A 146 24.07 -31.19 23.53
C CYS A 146 25.34 -30.97 22.70
N VAL A 147 26.49 -31.32 23.28
CA VAL A 147 27.77 -31.28 22.56
C VAL A 147 27.70 -32.06 21.25
N GLN A 148 28.37 -31.57 20.20
CA GLN A 148 28.45 -32.28 18.94
C GLN A 148 29.86 -32.90 18.71
N PRO A 149 29.90 -34.14 18.18
CA PRO A 149 31.18 -34.90 18.10
C PRO A 149 32.30 -34.23 17.27
N GLY A 153 31.59 -29.74 20.21
CA GLY A 153 31.82 -28.97 18.97
C GLY A 153 30.83 -27.82 18.89
N ARG A 154 30.99 -26.88 19.81
CA ARG A 154 29.87 -26.08 20.33
C ARG A 154 29.34 -24.98 19.40
N LYS A 155 28.08 -24.62 19.64
CA LYS A 155 27.46 -23.50 18.98
C LYS A 155 27.81 -22.22 19.75
N PRO A 156 28.12 -21.12 19.04
CA PRO A 156 28.24 -19.82 19.71
C PRO A 156 26.86 -19.22 19.96
N ALA A 157 26.73 -18.52 21.07
CA ALA A 157 25.50 -17.83 21.43
C ALA A 157 24.91 -16.99 20.28
N ARG A 158 23.58 -16.89 20.25
CA ARG A 158 22.92 -15.98 19.35
C ARG A 158 22.91 -14.59 19.94
N LEU A 159 22.83 -13.59 19.06
CA LEU A 159 22.82 -12.19 19.47
C LEU A 159 21.43 -11.64 19.28
N ILE A 160 20.80 -11.17 20.37
CA ILE A 160 19.53 -10.50 20.27
C ILE A 160 19.68 -9.00 20.43
N VAL A 161 18.75 -8.28 19.84
CA VAL A 161 18.85 -6.83 19.66
C VAL A 161 17.45 -6.26 19.78
N PHE A 162 17.28 -5.31 20.68
CA PHE A 162 15.95 -4.82 21.00
C PHE A 162 15.97 -3.42 21.59
N PRO A 163 14.94 -2.60 21.27
CA PRO A 163 14.77 -1.26 21.83
C PRO A 163 14.12 -1.27 23.22
N ASP A 164 14.18 -0.13 23.89
CA ASP A 164 13.63 -0.02 25.21
C ASP A 164 12.13 -0.30 25.21
N LEU A 165 11.62 -0.70 26.37
CA LEU A 165 10.22 -1.08 26.59
C LEU A 165 9.18 -0.04 26.12
N GLY A 166 9.49 1.26 26.17
CA GLY A 166 8.54 2.27 25.73
C GLY A 166 8.23 2.16 24.25
N VAL A 167 9.27 1.86 23.50
CA VAL A 167 9.16 1.66 22.05
C VAL A 167 8.41 0.40 21.71
N ARG A 168 8.63 -0.67 22.48
CA ARG A 168 7.99 -1.96 22.18
C ARG A 168 6.47 -1.85 22.35
N VAL A 169 6.03 -1.08 23.35
CA VAL A 169 4.60 -0.83 23.48
C VAL A 169 4.10 -0.06 22.26
N CYS A 170 4.84 0.96 21.83
CA CYS A 170 4.44 1.72 20.65
C CYS A 170 4.40 0.85 19.37
N GLU A 171 5.34 -0.08 19.23
CA GLU A 171 5.30 -1.03 18.10
C GLU A 171 3.95 -1.74 18.01
N LYS A 172 3.44 -2.22 19.16
CA LYS A 172 2.15 -2.93 19.24
C LYS A 172 0.96 -2.04 18.86
N MET A 173 0.96 -0.82 19.41
CA MET A 173 -0.11 0.14 19.11
C MET A 173 -0.19 0.30 17.59
N ALA A 174 0.95 0.59 16.98
CA ALA A 174 1.04 0.81 15.55
C ALA A 174 0.85 -0.45 14.72
N LEU A 175 1.41 -1.58 15.16
CA LEU A 175 1.64 -2.72 14.26
C LEU A 175 1.09 -4.10 14.68
N TYR A 176 0.48 -4.24 15.85
CA TYR A 176 0.05 -5.59 16.28
C TYR A 176 -1.01 -6.18 15.35
N ASP A 177 -1.97 -5.35 14.96
CA ASP A 177 -3.04 -5.83 14.12
C ASP A 177 -2.51 -6.23 12.74
N VAL A 178 -1.62 -5.42 12.19
CA VAL A 178 -0.99 -5.69 10.90
C VAL A 178 -0.23 -7.02 10.90
N VAL A 179 0.71 -7.18 11.84
CA VAL A 179 1.57 -8.39 11.84
C VAL A 179 0.81 -9.66 12.22
N SER A 180 -0.39 -9.50 12.76
CA SER A 180 -1.30 -10.62 13.06
C SER A 180 -2.27 -10.96 11.95
N THR A 181 -2.45 -10.09 10.96
CA THR A 181 -3.45 -10.33 9.90
C THR A 181 -2.92 -10.23 8.49
N LEU A 182 -1.90 -9.40 8.27
CA LEU A 182 -1.39 -9.19 6.91
C LEU A 182 -0.76 -10.44 6.27
N PRO A 183 0.09 -11.19 7.02
CA PRO A 183 0.67 -12.42 6.46
C PRO A 183 -0.34 -13.40 5.87
N GLN A 184 -1.45 -13.62 6.54
CA GLN A 184 -2.45 -14.56 6.04
C GLN A 184 -3.15 -14.10 4.76
N ALA A 185 -3.39 -12.79 4.67
CA ALA A 185 -4.08 -12.23 3.51
C ALA A 185 -3.17 -12.28 2.30
N VAL A 186 -1.86 -12.20 2.53
CA VAL A 186 -0.87 -12.14 1.45
C VAL A 186 -0.44 -13.53 0.97
N MET A 187 -0.15 -14.41 1.89
CA MET A 187 0.43 -15.70 1.52
C MET A 187 -0.60 -16.82 1.53
N GLY A 188 -1.73 -16.59 2.20
CA GLY A 188 -2.83 -17.53 2.14
C GLY A 188 -2.51 -18.82 2.85
N SER A 189 -2.62 -19.95 2.15
CA SER A 189 -2.35 -21.24 2.77
C SER A 189 -0.83 -21.54 2.99
N SER A 190 0.05 -20.66 2.50
CA SER A 190 1.50 -20.81 2.66
C SER A 190 2.02 -20.22 3.98
N TYR A 191 1.15 -19.54 4.73
CA TYR A 191 1.55 -18.93 5.99
C TYR A 191 1.45 -19.96 7.13
N GLY A 192 2.62 -20.35 7.62
CA GLY A 192 2.78 -21.49 8.51
C GLY A 192 2.12 -21.35 9.84
N PHE A 193 2.23 -20.19 10.45
CA PHE A 193 1.75 -19.98 11.81
C PHE A 193 0.21 -20.06 12.01
N GLN A 194 -0.54 -20.25 10.93
CA GLN A 194 -1.98 -20.45 11.10
C GLN A 194 -2.33 -21.88 11.50
N TYR A 195 -1.38 -22.80 11.29
CA TYR A 195 -1.62 -24.22 11.44
C TYR A 195 -1.22 -24.74 12.81
N SER A 196 -2.12 -25.50 13.42
CA SER A 196 -1.78 -26.32 14.56
C SER A 196 -0.93 -27.43 13.98
N PRO A 197 -0.19 -28.15 14.83
CA PRO A 197 0.64 -29.24 14.34
C PRO A 197 -0.14 -30.27 13.51
N LYS A 198 -1.30 -30.68 13.98
CA LYS A 198 -2.18 -31.57 13.21
C LYS A 198 -2.58 -30.93 11.88
N GLN A 199 -2.84 -29.62 11.87
CA GLN A 199 -3.18 -28.94 10.61
C GLN A 199 -1.99 -28.80 9.67
N ARG A 200 -0.80 -28.65 10.25
CA ARG A 200 0.41 -28.55 9.46
C ARG A 200 0.70 -29.84 8.74
N VAL A 201 0.59 -30.95 9.46
CA VAL A 201 0.79 -32.29 8.88
C VAL A 201 -0.28 -32.63 7.84
N GLU A 202 -1.53 -32.32 8.16
CA GLU A 202 -2.60 -32.38 7.17
C GLU A 202 -2.14 -31.70 5.86
N PHE A 203 -1.81 -30.42 5.93
CA PHE A 203 -1.41 -29.63 4.74
C PHE A 203 -0.22 -30.17 3.95
N LEU A 204 0.74 -30.76 4.66
CA LEU A 204 1.94 -31.30 4.04
C LEU A 204 1.64 -32.63 3.37
N VAL A 205 0.82 -33.47 4.00
CA VAL A 205 0.42 -34.72 3.40
C VAL A 205 -0.53 -34.49 2.22
N ASN A 206 -1.51 -33.61 2.39
CA ASN A 206 -2.47 -33.36 1.32
C ASN A 206 -1.78 -32.76 0.12
N THR A 207 -0.91 -31.78 0.37
CA THR A 207 -0.11 -31.20 -0.69
C THR A 207 0.78 -32.24 -1.36
N TRP A 208 1.37 -33.14 -0.58
CA TRP A 208 2.28 -34.14 -1.13
C TRP A 208 1.51 -35.08 -2.02
N LYS A 209 0.40 -35.58 -1.47
CA LYS A 209 -0.44 -36.55 -2.17
C LYS A 209 -1.23 -35.92 -3.31
N SER A 210 -1.21 -34.60 -3.44
CA SER A 210 -1.89 -33.98 -4.56
C SER A 210 -1.03 -33.96 -5.83
N LYS A 211 0.27 -34.23 -5.73
CA LYS A 211 1.17 -34.17 -6.88
C LYS A 211 1.21 -35.51 -7.64
N LYS A 212 1.35 -35.44 -8.97
CA LYS A 212 1.58 -36.64 -9.80
C LYS A 212 2.84 -37.34 -9.35
N CYS A 213 3.97 -36.64 -9.37
CA CYS A 213 5.22 -37.16 -8.80
C CYS A 213 5.91 -36.09 -7.90
N PRO A 214 5.68 -36.17 -6.58
CA PRO A 214 6.17 -35.11 -5.70
C PRO A 214 7.68 -35.12 -5.55
N MET A 215 8.25 -33.92 -5.47
CA MET A 215 9.62 -33.70 -5.04
C MET A 215 9.51 -32.54 -4.08
N GLY A 216 10.33 -32.53 -3.04
CA GLY A 216 10.27 -31.45 -2.06
C GLY A 216 11.64 -31.17 -1.47
N PHE A 217 11.82 -29.97 -0.91
CA PHE A 217 13.06 -29.61 -0.24
C PHE A 217 12.82 -28.54 0.80
N SER A 218 13.68 -28.55 1.81
CA SER A 218 13.82 -27.44 2.73
C SER A 218 14.98 -26.62 2.22
N TYR A 219 14.99 -25.34 2.59
CA TYR A 219 16.04 -24.41 2.16
C TYR A 219 16.44 -23.62 3.38
N ASP A 220 17.69 -23.80 3.80
CA ASP A 220 18.20 -23.14 4.97
C ASP A 220 19.05 -21.96 4.53
N THR A 221 18.55 -20.76 4.75
CA THR A 221 19.33 -19.57 4.51
C THR A 221 20.33 -19.38 5.65
N ARG A 222 21.56 -19.07 5.26
CA ARG A 222 22.63 -18.76 6.20
C ARG A 222 22.34 -17.48 6.97
N CYS A 223 21.99 -17.63 8.25
CA CYS A 223 21.83 -16.50 9.17
C CYS A 223 20.93 -15.44 8.54
N PHE A 224 19.65 -15.79 8.42
CA PHE A 224 18.70 -15.01 7.64
C PHE A 224 18.69 -13.53 8.03
N ASP A 225 18.67 -13.24 9.33
CA ASP A 225 18.54 -11.85 9.77
C ASP A 225 19.61 -10.90 9.18
N SER A 226 20.81 -11.44 8.97
CA SER A 226 21.92 -10.72 8.43
C SER A 226 21.88 -10.60 6.92
N THR A 227 21.07 -11.42 6.28
CA THR A 227 20.92 -11.35 4.85
C THR A 227 19.92 -10.26 4.49
N VAL A 228 19.02 -9.91 5.41
CA VAL A 228 17.98 -8.89 5.17
C VAL A 228 18.59 -7.51 4.98
N THR A 229 18.30 -6.86 3.87
CA THR A 229 18.92 -5.60 3.56
C THR A 229 17.96 -4.46 3.88
N GLU A 230 18.49 -3.25 3.80
CA GLU A 230 17.70 -2.05 4.03
C GLU A 230 16.63 -1.97 2.95
N SER A 231 17.02 -2.29 1.72
CA SER A 231 16.04 -2.41 0.63
C SER A 231 14.90 -3.36 1.03
N ASP A 232 15.25 -4.55 1.54
CA ASP A 232 14.23 -5.52 1.93
C ASP A 232 13.25 -4.97 2.98
N ILE A 233 13.74 -4.17 3.92
CA ILE A 233 12.89 -3.69 4.98
C ILE A 233 12.02 -2.52 4.56
N ARG A 234 12.52 -1.69 3.63
CA ARG A 234 11.65 -0.72 2.97
C ARG A 234 10.61 -1.37 2.07
N VAL A 235 10.99 -2.37 1.29
CA VAL A 235 9.99 -3.15 0.52
C VAL A 235 8.89 -3.74 1.44
N GLU A 236 9.32 -4.27 2.57
CA GLU A 236 8.41 -4.83 3.55
C GLU A 236 7.45 -3.73 4.06
N GLU A 237 7.97 -2.50 4.16
CA GLU A 237 7.14 -1.37 4.54
C GLU A 237 6.18 -1.05 3.40
N SER A 238 6.64 -1.12 2.16
CA SER A 238 5.73 -0.89 1.04
C SER A 238 4.49 -1.83 1.12
N ILE A 239 4.66 -3.02 1.72
CA ILE A 239 3.55 -3.94 1.90
C ILE A 239 2.64 -3.46 3.03
N TYR A 240 3.22 -3.06 4.16
CA TYR A 240 2.39 -2.62 5.29
C TYR A 240 1.55 -1.40 4.93
N GLN A 241 2.08 -0.53 4.09
CA GLN A 241 1.43 0.74 3.76
C GLN A 241 0.22 0.55 2.85
N CYS A 242 0.08 -0.63 2.24
CA CYS A 242 -1.10 -0.93 1.44
C CYS A 242 -2.35 -1.14 2.30
N CYS A 243 -2.20 -1.36 3.61
CA CYS A 243 -3.35 -1.48 4.49
C CYS A 243 -4.05 -0.14 4.61
N ASP A 244 -5.34 -0.19 4.94
CA ASP A 244 -6.00 0.98 5.44
C ASP A 244 -5.53 1.23 6.86
N LEU A 245 -4.93 2.40 7.06
CA LEU A 245 -4.32 2.77 8.32
C LEU A 245 -4.75 4.15 8.76
N ALA A 246 -4.91 4.34 10.06
CA ALA A 246 -5.01 5.68 10.65
C ALA A 246 -3.71 6.46 10.41
N PRO A 247 -3.81 7.80 10.23
CA PRO A 247 -2.64 8.64 9.96
C PRO A 247 -1.48 8.48 10.96
N GLU A 248 -1.80 8.53 12.25
CA GLU A 248 -0.79 8.35 13.30
C GLU A 248 -0.14 6.98 13.16
N ALA A 249 -0.91 5.98 12.70
CA ALA A 249 -0.37 4.66 12.46
C ALA A 249 0.64 4.74 11.32
N ARG A 250 0.23 5.40 10.26
CA ARG A 250 1.01 5.40 9.04
C ARG A 250 2.36 6.07 9.26
N GLN A 251 2.35 7.16 10.00
CA GLN A 251 3.58 7.88 10.34
C GLN A 251 4.46 7.04 11.27
N ALA A 252 3.86 6.40 12.26
CA ALA A 252 4.60 5.54 13.19
C ALA A 252 5.37 4.50 12.42
N ILE A 253 4.66 3.84 11.52
CA ILE A 253 5.25 2.78 10.68
C ILE A 253 6.42 3.33 9.86
N ARG A 254 6.28 4.56 9.39
CA ARG A 254 7.27 5.24 8.57
C ARG A 254 8.53 5.57 9.38
N SER A 255 8.31 6.23 10.51
CA SER A 255 9.38 6.53 11.46
C SER A 255 10.03 5.25 12.05
N LEU A 256 9.23 4.26 12.47
CA LEU A 256 9.81 3.01 13.00
C LEU A 256 10.65 2.28 11.95
N THR A 257 10.22 2.38 10.71
CA THR A 257 10.98 1.77 9.62
C THR A 257 12.37 2.43 9.50
N GLU A 258 12.39 3.77 9.43
CA GLU A 258 13.66 4.48 9.13
C GLU A 258 14.56 4.59 10.36
N ARG A 259 13.98 4.51 11.55
CA ARG A 259 14.72 4.78 12.78
C ARG A 259 15.11 3.53 13.57
N LEU A 260 14.44 2.40 13.29
CA LEU A 260 14.57 1.16 14.06
C LEU A 260 14.73 -0.08 13.15
N TYR A 261 13.75 -0.31 12.28
CA TYR A 261 13.75 -1.56 11.53
C TYR A 261 14.92 -1.67 10.56
N ILE A 262 15.27 -0.62 9.83
CA ILE A 262 16.34 -0.74 8.84
C ILE A 262 17.72 -0.80 9.46
N GLY A 263 17.86 -0.35 10.71
CA GLY A 263 19.15 -0.28 11.37
C GLY A 263 19.19 0.76 12.48
N GLY A 264 20.35 0.89 13.11
CA GLY A 264 20.53 1.79 14.24
C GLY A 264 21.77 1.48 15.03
N PRO A 265 22.04 2.25 16.10
CA PRO A 265 23.19 1.98 16.95
C PRO A 265 22.93 0.84 17.90
N LEU A 266 24.00 0.13 18.26
CA LEU A 266 23.94 -1.00 19.17
C LEU A 266 24.63 -0.65 20.47
N THR A 267 23.97 -0.92 21.60
CA THR A 267 24.54 -0.62 22.90
C THR A 267 24.59 -1.88 23.75
N ASN A 268 25.74 -2.10 24.42
CA ASN A 268 25.93 -3.25 25.28
C ASN A 268 25.27 -3.00 26.64
N SER A 269 25.42 -3.92 27.59
CA SER A 269 24.70 -3.82 28.85
C SER A 269 25.26 -2.75 29.78
N LYS A 270 26.46 -2.25 29.46
CA LYS A 270 27.16 -1.28 30.32
CA LYS A 270 27.19 -1.29 30.31
C LYS A 270 27.00 0.15 29.85
N GLY A 271 26.20 0.33 28.80
CA GLY A 271 25.93 1.65 28.24
C GLY A 271 26.96 2.11 27.22
N GLN A 272 27.85 1.20 26.81
CA GLN A 272 28.91 1.49 25.81
C GLN A 272 28.42 1.18 24.42
N ASN A 273 29.04 1.82 23.44
CA ASN A 273 28.67 1.69 22.05
C ASN A 273 29.45 0.59 21.38
N CYS A 274 28.73 -0.41 20.89
CA CYS A 274 29.31 -1.61 20.27
C CYS A 274 29.48 -1.50 18.80
N GLY A 275 28.56 -0.81 18.14
CA GLY A 275 28.55 -0.77 16.69
C GLY A 275 27.26 -0.29 16.09
N TYR A 276 27.09 -0.55 14.80
CA TYR A 276 25.87 -0.18 14.09
C TYR A 276 25.31 -1.41 13.30
N ARG A 277 24.00 -1.43 13.10
CA ARG A 277 23.26 -2.54 12.53
C ARG A 277 22.64 -2.06 11.22
N ARG A 278 22.68 -2.90 10.20
CA ARG A 278 22.02 -2.59 8.91
C ARG A 278 21.25 -3.80 8.35
N CYS A 279 20.65 -4.55 9.26
CA CYS A 279 19.96 -5.77 8.93
C CYS A 279 18.83 -5.98 9.94
N ARG A 280 18.20 -7.15 9.89
CA ARG A 280 17.06 -7.45 10.78
C ARG A 280 17.52 -7.46 12.22
N ALA A 281 16.73 -6.83 13.09
CA ALA A 281 16.91 -7.02 14.52
C ALA A 281 16.04 -8.18 14.96
N SER A 282 16.64 -9.11 15.67
CA SER A 282 15.92 -10.26 16.19
CA SER A 282 15.92 -10.27 16.21
C SER A 282 14.81 -9.86 17.15
N GLY A 283 14.93 -8.71 17.82
CA GLY A 283 14.03 -8.40 18.93
C GLY A 283 12.99 -7.31 18.80
N VAL A 284 12.33 -7.23 17.64
CA VAL A 284 11.29 -6.24 17.41
C VAL A 284 10.05 -6.91 16.86
N LEU A 285 8.92 -6.22 16.95
CA LEU A 285 7.64 -6.84 16.65
C LEU A 285 7.54 -7.45 15.24
N THR A 286 8.19 -6.81 14.25
CA THR A 286 8.02 -7.12 12.83
C THR A 286 8.95 -8.19 12.28
N THR A 287 9.78 -8.79 13.13
CA THR A 287 10.76 -9.73 12.65
C THR A 287 10.14 -10.95 12.02
N SER A 288 9.11 -11.50 12.68
CA SER A 288 8.46 -12.74 12.20
C SER A 288 7.66 -12.49 10.93
N CYS A 289 6.81 -11.46 10.98
CA CYS A 289 6.04 -11.08 9.80
C CYS A 289 7.01 -10.75 8.67
N GLY A 290 7.97 -9.89 8.96
CA GLY A 290 8.90 -9.42 7.95
C GLY A 290 9.72 -10.55 7.37
N ASN A 291 10.28 -11.38 8.22
CA ASN A 291 11.04 -12.50 7.71
C ASN A 291 10.13 -13.42 6.90
N THR A 292 8.90 -13.64 7.34
CA THR A 292 8.01 -14.52 6.62
C THR A 292 7.72 -13.97 5.19
N LEU A 293 7.34 -12.70 5.13
CA LEU A 293 7.10 -12.03 3.85
C LEU A 293 8.34 -12.07 2.96
N THR A 294 9.49 -11.80 3.54
CA THR A 294 10.70 -11.65 2.76
C THR A 294 11.13 -12.99 2.20
N CYS A 295 11.04 -14.01 3.05
CA CYS A 295 11.36 -15.38 2.65
C CYS A 295 10.42 -15.79 1.54
N TYR A 296 9.13 -15.58 1.76
CA TYR A 296 8.13 -15.93 0.77
C TYR A 296 8.34 -15.23 -0.58
N LEU A 297 8.79 -13.99 -0.53
CA LEU A 297 8.93 -13.20 -1.75
C LEU A 297 10.11 -13.71 -2.60
N LYS A 298 11.26 -13.86 -1.97
CA LYS A 298 12.45 -14.26 -2.71
C LYS A 298 12.24 -15.68 -3.20
N ALA A 299 11.83 -16.56 -2.30
CA ALA A 299 11.63 -17.97 -2.66
C ALA A 299 10.61 -18.13 -3.78
N THR A 300 9.50 -17.39 -3.67
CA THR A 300 8.46 -17.45 -4.71
C THR A 300 9.05 -17.05 -6.07
N ALA A 301 9.86 -16.00 -6.10
CA ALA A 301 10.43 -15.49 -7.35
C ALA A 301 11.53 -16.42 -7.90
N ALA A 302 12.31 -16.97 -6.99
CA ALA A 302 13.35 -17.94 -7.32
C ALA A 302 12.80 -19.24 -7.89
N CYS A 303 11.63 -19.64 -7.40
CA CYS A 303 10.92 -20.79 -7.96
C CYS A 303 10.62 -20.55 -9.44
N ARG A 304 10.13 -19.36 -9.78
CA ARG A 304 9.85 -19.06 -11.19
C ARG A 304 11.15 -19.03 -11.99
N ALA A 305 12.18 -18.39 -11.44
CA ALA A 305 13.50 -18.35 -12.08
C ALA A 305 13.99 -19.77 -12.34
N ALA A 306 13.91 -20.62 -11.32
CA ALA A 306 14.35 -22.00 -11.43
C ALA A 306 13.50 -22.86 -12.36
N LYS A 307 12.29 -22.38 -12.66
CA LYS A 307 11.40 -23.08 -13.57
C LYS A 307 10.78 -24.33 -12.93
N LEU A 308 10.79 -24.39 -11.61
CA LEU A 308 10.12 -25.47 -10.87
C LEU A 308 8.62 -25.40 -11.10
N GLN A 309 7.98 -26.57 -11.18
CA GLN A 309 6.58 -26.64 -11.62
C GLN A 309 5.61 -26.91 -10.46
N ASP A 310 4.44 -26.27 -10.49
CA ASP A 310 3.37 -26.45 -9.51
C ASP A 310 3.88 -26.42 -8.08
N CYS A 311 4.52 -25.33 -7.70
CA CYS A 311 5.08 -25.20 -6.36
C CYS A 311 4.04 -24.87 -5.33
N THR A 312 4.08 -25.61 -4.22
CA THR A 312 3.42 -25.18 -3.02
C THR A 312 4.50 -24.95 -1.97
N MET A 313 4.53 -23.76 -1.39
CA MET A 313 5.49 -23.43 -0.35
C MET A 313 4.83 -23.27 1.00
N LEU A 314 5.62 -23.46 2.04
CA LEU A 314 5.14 -23.32 3.42
C LEU A 314 6.20 -22.60 4.24
N VAL A 315 5.85 -21.43 4.74
CA VAL A 315 6.83 -20.48 5.23
C VAL A 315 6.52 -20.11 6.67
N ASN A 316 7.54 -20.22 7.53
CA ASN A 316 7.46 -19.81 8.93
C ASN A 316 8.66 -18.94 9.23
N GLY A 317 8.49 -17.62 9.21
CA GLY A 317 9.63 -16.70 9.27
C GLY A 317 10.67 -17.09 8.23
N ASP A 318 11.88 -17.41 8.68
CA ASP A 318 12.96 -17.80 7.78
C ASP A 318 13.04 -19.31 7.50
N ASP A 319 12.11 -20.09 8.02
CA ASP A 319 12.03 -21.49 7.67
C ASP A 319 11.13 -21.69 6.45
N LEU A 320 11.60 -22.48 5.50
CA LEU A 320 10.95 -22.64 4.21
C LEU A 320 10.93 -24.10 3.76
N VAL A 321 9.78 -24.57 3.30
CA VAL A 321 9.72 -25.88 2.64
C VAL A 321 8.88 -25.75 1.37
N VAL A 322 9.33 -26.43 0.31
CA VAL A 322 8.69 -26.34 -1.00
C VAL A 322 8.40 -27.72 -1.53
N ILE A 323 7.17 -27.94 -2.01
CA ILE A 323 6.77 -29.21 -2.64
C ILE A 323 6.28 -28.90 -4.03
N CYS A 324 6.77 -29.68 -5.00
CA CYS A 324 6.48 -29.41 -6.41
C CYS A 324 6.37 -30.72 -7.21
N GLU A 325 6.15 -30.59 -8.52
CA GLU A 325 6.08 -31.71 -9.45
C GLU A 325 7.46 -32.05 -9.96
N SER A 326 7.90 -33.28 -9.71
CA SER A 326 9.19 -33.75 -10.23
C SER A 326 9.25 -33.68 -11.75
N ALA A 327 10.44 -33.40 -12.25
CA ALA A 327 10.71 -33.34 -13.68
C ALA A 327 11.74 -34.40 -14.05
N GLY A 328 11.95 -35.37 -13.17
CA GLY A 328 13.02 -36.34 -13.35
C GLY A 328 14.21 -35.97 -12.47
N THR A 329 14.83 -36.97 -11.87
CA THR A 329 15.81 -36.76 -10.81
C THR A 329 16.92 -35.76 -11.16
N GLN A 330 17.43 -35.81 -12.38
CA GLN A 330 18.57 -34.98 -12.77
CA GLN A 330 18.57 -34.98 -12.77
C GLN A 330 18.12 -33.57 -13.14
N GLU A 331 16.92 -33.47 -13.69
CA GLU A 331 16.34 -32.17 -14.04
C GLU A 331 15.88 -31.46 -12.76
N ASP A 332 15.44 -32.25 -11.78
CA ASP A 332 15.13 -31.75 -10.43
C ASP A 332 16.38 -31.19 -9.72
N ALA A 333 17.54 -31.80 -9.96
CA ALA A 333 18.78 -31.40 -9.26
C ALA A 333 19.31 -30.08 -9.79
N ALA A 334 19.27 -29.94 -11.13
CA ALA A 334 19.71 -28.71 -11.80
C ALA A 334 18.74 -27.53 -11.55
N ALA A 335 17.45 -27.82 -11.44
CA ALA A 335 16.46 -26.80 -11.06
C ALA A 335 16.66 -26.30 -9.63
N LEU A 336 16.92 -27.22 -8.71
CA LEU A 336 17.14 -26.80 -7.31
C LEU A 336 18.40 -25.90 -7.21
N ARG A 337 19.44 -26.27 -7.96
CA ARG A 337 20.64 -25.43 -8.05
C ARG A 337 20.35 -24.07 -8.69
N ALA A 338 19.50 -24.02 -9.69
CA ALA A 338 19.12 -22.72 -10.24
C ALA A 338 18.40 -21.91 -9.15
N PHE A 339 17.54 -22.57 -8.38
CA PHE A 339 16.80 -21.90 -7.31
C PHE A 339 17.75 -21.28 -6.31
N THR A 340 18.68 -22.07 -5.79
CA THR A 340 19.66 -21.59 -4.80
C THR A 340 20.44 -20.35 -5.28
N GLU A 341 20.70 -20.30 -6.59
CA GLU A 341 21.51 -19.27 -7.16
C GLU A 341 20.71 -17.99 -7.30
N ALA A 342 19.42 -18.15 -7.60
CA ALA A 342 18.48 -17.05 -7.64
C ALA A 342 18.36 -16.42 -6.26
N MET A 343 18.22 -17.28 -5.25
CA MET A 343 18.13 -16.81 -3.86
C MET A 343 19.41 -16.07 -3.47
N THR A 344 20.56 -16.59 -3.88
CA THR A 344 21.84 -15.96 -3.58
C THR A 344 21.81 -14.52 -4.11
N ARG A 345 21.31 -14.36 -5.33
CA ARG A 345 21.20 -13.04 -5.94
C ARG A 345 20.27 -12.12 -5.20
N TYR A 346 19.18 -12.68 -4.68
CA TYR A 346 18.26 -11.92 -3.84
C TYR A 346 18.84 -11.67 -2.45
N SER A 347 20.09 -12.08 -2.21
CA SER A 347 20.70 -11.93 -0.90
C SER A 347 19.99 -12.86 0.07
N ALA A 348 19.98 -14.15 -0.25
CA ALA A 348 19.58 -15.19 0.69
C ALA A 348 20.27 -16.48 0.28
N PRO A 349 21.60 -16.55 0.49
CA PRO A 349 22.38 -17.71 0.13
C PRO A 349 22.21 -18.85 1.14
N PRO A 350 22.53 -20.07 0.72
CA PRO A 350 22.32 -21.25 1.51
C PRO A 350 23.33 -21.46 2.60
N GLY A 351 22.86 -21.97 3.73
CA GLY A 351 23.76 -22.48 4.77
C GLY A 351 24.43 -23.76 4.30
N ASP A 352 23.61 -24.77 4.06
CA ASP A 352 24.06 -26.02 3.45
C ASP A 352 23.24 -26.19 2.17
N PRO A 353 23.86 -26.71 1.08
CA PRO A 353 23.03 -26.81 -0.13
C PRO A 353 21.80 -27.68 0.13
N PRO A 354 20.63 -27.26 -0.39
CA PRO A 354 19.44 -28.09 -0.22
C PRO A 354 19.54 -29.35 -1.08
N GLN A 355 18.84 -30.40 -0.68
CA GLN A 355 18.80 -31.64 -1.45
C GLN A 355 17.35 -31.94 -1.77
N PRO A 356 17.05 -32.31 -3.02
CA PRO A 356 15.71 -32.75 -3.35
C PRO A 356 15.40 -34.10 -2.72
N GLU A 357 14.18 -34.26 -2.21
CA GLU A 357 13.74 -35.48 -1.51
C GLU A 357 12.48 -36.02 -2.17
N TYR A 358 12.34 -37.35 -2.14
CA TYR A 358 11.20 -38.03 -2.75
C TYR A 358 10.44 -38.88 -1.75
N ASP A 359 10.69 -38.66 -0.47
CA ASP A 359 9.90 -39.28 0.59
C ASP A 359 9.62 -38.20 1.64
N LEU A 360 8.34 -37.90 1.83
CA LEU A 360 7.92 -36.80 2.69
C LEU A 360 8.49 -36.87 4.09
N GLU A 361 8.66 -38.07 4.62
CA GLU A 361 9.21 -38.23 5.94
C GLU A 361 10.67 -37.79 6.02
N LEU A 362 11.38 -37.70 4.90
CA LEU A 362 12.79 -37.30 4.91
C LEU A 362 13.05 -35.78 4.86
N ILE A 363 12.01 -34.96 4.90
CA ILE A 363 12.14 -33.50 4.84
C ILE A 363 12.02 -32.95 6.24
N THR A 364 12.97 -32.09 6.63
CA THR A 364 12.95 -31.36 7.89
C THR A 364 12.63 -29.85 7.73
N SER A 365 11.38 -29.49 8.03
CA SER A 365 10.96 -28.10 8.15
C SER A 365 10.59 -27.82 9.60
N CYS A 366 10.87 -26.58 10.03
CA CYS A 366 10.75 -26.15 11.45
C CYS A 366 11.32 -27.18 12.41
N SER A 367 12.51 -27.68 12.08
CA SER A 367 13.20 -28.70 12.85
C SER A 367 12.40 -30.02 13.03
N SER A 368 11.38 -30.22 12.18
CA SER A 368 10.44 -31.31 12.33
C SER A 368 10.23 -32.09 11.02
N ASN A 369 9.74 -33.30 11.18
CA ASN A 369 9.45 -34.15 10.04
C ASN A 369 8.19 -34.98 10.31
N VAL A 370 7.53 -35.36 9.24
CA VAL A 370 6.32 -36.14 9.32
C VAL A 370 6.70 -37.59 9.58
N SER A 371 6.00 -38.25 10.49
CA SER A 371 6.10 -39.70 10.61
C SER A 371 4.72 -40.25 10.84
N VAL A 372 4.60 -41.59 10.75
CA VAL A 372 3.32 -42.28 10.85
C VAL A 372 3.27 -43.32 12.00
N ALA A 373 2.07 -43.50 12.55
CA ALA A 373 1.81 -44.54 13.53
C ALA A 373 0.38 -45.07 13.35
N HIS A 374 -0.13 -45.85 14.29
CA HIS A 374 -1.49 -46.35 14.21
C HIS A 374 -2.23 -46.08 15.49
N ASP A 375 -3.52 -45.76 15.36
CA ASP A 375 -4.38 -45.46 16.50
C ASP A 375 -5.04 -46.73 17.06
N ALA A 376 -5.97 -46.55 18.00
CA ALA A 376 -6.65 -47.66 18.69
C ALA A 376 -7.25 -48.70 17.76
N SER A 377 -7.88 -48.23 16.68
CA SER A 377 -8.54 -49.09 15.70
C SER A 377 -7.65 -49.48 14.50
N GLY A 378 -6.36 -49.17 14.58
CA GLY A 378 -5.41 -49.55 13.53
C GLY A 378 -5.27 -48.62 12.34
N LYS A 379 -6.06 -47.53 12.29
CA LYS A 379 -5.95 -46.55 11.19
C LYS A 379 -4.60 -45.82 11.23
N ARG A 380 -4.06 -45.52 10.04
CA ARG A 380 -2.83 -44.74 9.94
C ARG A 380 -3.07 -43.27 10.31
N VAL A 381 -2.28 -42.78 11.26
CA VAL A 381 -2.35 -41.43 11.71
C VAL A 381 -0.99 -40.79 11.46
N TYR A 382 -1.01 -39.71 10.69
CA TYR A 382 0.18 -38.93 10.41
C TYR A 382 0.38 -37.93 11.51
N TYR A 383 1.60 -37.88 12.02
CA TYR A 383 1.95 -36.97 13.11
C TYR A 383 3.33 -36.34 12.89
N LEU A 384 3.65 -35.39 13.74
CA LEU A 384 4.81 -34.53 13.55
C LEU A 384 5.79 -34.78 14.67
N THR A 385 7.06 -34.97 14.35
CA THR A 385 8.08 -35.33 15.35
C THR A 385 9.42 -34.68 14.98
N ARG A 386 10.47 -35.01 15.75
CA ARG A 386 11.84 -34.49 15.50
C ARG A 386 12.88 -35.30 16.27
N ASP A 387 14.15 -35.06 15.97
CA ASP A 387 15.22 -35.62 16.79
C ASP A 387 15.09 -34.98 18.18
N PRO A 388 14.93 -35.80 19.22
CA PRO A 388 14.62 -35.31 20.57
C PRO A 388 15.81 -34.94 21.46
N THR A 389 17.01 -34.90 20.91
CA THR A 389 18.20 -34.54 21.69
C THR A 389 18.08 -33.19 22.38
N THR A 390 17.68 -32.15 21.64
CA THR A 390 17.65 -30.82 22.21
C THR A 390 16.52 -30.68 23.23
N PRO A 391 15.31 -31.12 22.88
CA PRO A 391 14.28 -31.18 23.91
C PRO A 391 14.73 -31.84 25.21
N LEU A 392 15.41 -32.97 25.12
CA LEU A 392 15.81 -33.69 26.32
C LEU A 392 16.90 -32.93 27.08
N ALA A 393 17.92 -32.47 26.37
CA ALA A 393 18.99 -31.68 26.99
C ALA A 393 18.43 -30.50 27.77
N ARG A 394 17.52 -29.77 27.13
CA ARG A 394 16.85 -28.63 27.78
C ARG A 394 15.98 -29.04 28.95
N ALA A 395 15.40 -30.24 28.85
CA ALA A 395 14.49 -30.73 29.88
C ALA A 395 15.26 -31.05 31.16
N ALA A 396 16.43 -31.62 30.97
CA ALA A 396 17.34 -31.84 32.07
C ALA A 396 17.74 -30.50 32.71
N TRP A 397 18.14 -29.55 31.88
CA TRP A 397 18.55 -28.24 32.36
C TRP A 397 17.45 -27.55 33.15
N GLU A 398 16.24 -27.61 32.60
CA GLU A 398 15.08 -26.98 33.25
C GLU A 398 14.60 -27.70 34.50
N THR A 399 15.04 -28.93 34.69
CA THR A 399 14.78 -29.67 35.93
C THR A 399 15.76 -29.23 37.03
N ALA A 400 17.03 -29.10 36.67
CA ALA A 400 18.08 -28.63 37.60
C ALA A 400 18.06 -27.15 37.93
N ARG A 401 17.61 -26.33 36.99
CA ARG A 401 17.56 -24.87 37.18
C ARG A 401 16.18 -24.31 36.90
N HIS A 402 15.77 -23.33 37.71
CA HIS A 402 14.60 -22.52 37.37
C HIS A 402 14.94 -21.65 36.15
N THR A 403 14.15 -21.79 35.09
CA THR A 403 14.21 -20.87 33.96
C THR A 403 12.94 -20.05 33.94
N PRO A 404 12.92 -18.98 33.11
CA PRO A 404 11.71 -18.20 32.98
C PRO A 404 10.68 -18.90 32.08
N ILE A 405 11.16 -19.52 31.00
CA ILE A 405 10.29 -20.25 30.09
C ILE A 405 10.60 -21.76 30.21
N ASN A 406 9.56 -22.60 30.15
CA ASN A 406 9.74 -24.03 30.29
C ASN A 406 9.58 -24.66 28.94
N SER A 407 10.68 -24.86 28.22
CA SER A 407 10.59 -25.52 26.92
C SER A 407 9.96 -26.93 26.98
N TRP A 408 10.15 -27.66 28.07
CA TRP A 408 9.55 -28.99 28.18
C TRP A 408 8.05 -28.95 28.01
N LEU A 409 7.38 -28.01 28.66
CA LEU A 409 5.93 -27.94 28.64
C LEU A 409 5.46 -27.59 27.24
N GLY A 410 6.13 -26.62 26.63
CA GLY A 410 5.87 -26.26 25.23
C GLY A 410 6.12 -27.42 24.28
N ASN A 411 7.17 -28.19 24.53
CA ASN A 411 7.41 -29.40 23.73
C ASN A 411 6.39 -30.50 23.95
N ILE A 412 5.86 -30.61 25.17
CA ILE A 412 4.80 -31.61 25.42
C ILE A 412 3.56 -31.29 24.58
N ILE A 413 3.21 -30.00 24.51
CA ILE A 413 2.00 -29.57 23.84
C ILE A 413 2.17 -29.77 22.35
N MET A 414 3.31 -29.34 21.85
CA MET A 414 3.56 -29.38 20.39
C MET A 414 3.78 -30.80 19.86
N TYR A 415 4.37 -31.68 20.66
CA TYR A 415 4.81 -33.01 20.23
C TYR A 415 4.16 -34.14 21.04
N ALA A 416 3.00 -33.81 21.63
CA ALA A 416 2.18 -34.71 22.46
C ALA A 416 2.03 -36.14 21.95
N PRO A 417 1.89 -36.34 20.62
CA PRO A 417 1.65 -37.69 20.12
C PRO A 417 2.91 -38.48 19.85
N THR A 418 4.05 -37.85 20.10
CA THR A 418 5.32 -38.46 19.79
C THR A 418 5.71 -39.50 20.85
N LEU A 419 6.53 -40.44 20.45
CA LEU A 419 7.00 -41.50 21.34
C LEU A 419 7.76 -40.96 22.54
N TRP A 420 8.75 -40.12 22.27
CA TRP A 420 9.56 -39.52 23.34
C TRP A 420 8.80 -38.61 24.29
N ALA A 421 7.93 -37.77 23.78
CA ALA A 421 7.21 -36.84 24.66
C ALA A 421 6.31 -37.59 25.63
N ARG A 422 5.75 -38.68 25.15
CA ARG A 422 4.83 -39.45 25.92
C ARG A 422 5.51 -40.26 27.02
N MET A 423 6.55 -41.00 26.65
CA MET A 423 7.15 -41.97 27.57
C MET A 423 8.16 -41.29 28.47
N ILE A 424 8.86 -40.26 27.99
CA ILE A 424 9.88 -39.60 28.80
C ILE A 424 9.42 -38.27 29.42
N LEU A 425 8.99 -37.33 28.60
CA LEU A 425 8.67 -36.01 29.13
C LEU A 425 7.51 -36.03 30.13
N MET A 426 6.35 -36.53 29.71
CA MET A 426 5.16 -36.61 30.59
C MET A 426 5.46 -37.38 31.88
N THR A 427 6.09 -38.55 31.74
CA THR A 427 6.49 -39.39 32.89
C THR A 427 7.35 -38.60 33.86
N HIS A 428 8.45 -38.06 33.35
CA HIS A 428 9.44 -37.38 34.19
C HIS A 428 8.85 -36.19 34.90
N PHE A 429 8.13 -35.34 34.16
CA PHE A 429 7.65 -34.10 34.75
C PHE A 429 6.45 -34.30 35.65
N PHE A 430 5.48 -35.09 35.23
CA PHE A 430 4.37 -35.45 36.13
C PHE A 430 4.80 -36.17 37.42
N SER A 431 5.86 -36.98 37.37
CA SER A 431 6.34 -37.64 38.60
C SER A 431 6.85 -36.60 39.56
N ILE A 432 7.57 -35.62 39.02
CA ILE A 432 8.10 -34.51 39.82
C ILE A 432 6.98 -33.63 40.37
N LEU A 433 6.07 -33.19 39.50
CA LEU A 433 5.00 -32.32 39.98
C LEU A 433 4.16 -33.01 41.06
N LEU A 434 3.94 -34.31 40.94
CA LEU A 434 3.30 -35.04 42.02
C LEU A 434 4.09 -34.88 43.31
N ALA A 435 5.36 -35.22 43.25
CA ALA A 435 6.19 -35.28 44.47
C ALA A 435 6.39 -33.93 45.16
N GLN A 436 6.11 -32.82 44.47
CA GLN A 436 6.19 -31.50 45.10
C GLN A 436 4.81 -30.85 45.26
N GLU A 437 3.76 -31.60 44.92
CA GLU A 437 2.38 -31.12 44.99
C GLU A 437 2.20 -29.78 44.27
N GLN A 438 2.65 -29.73 43.02
CA GLN A 438 2.58 -28.53 42.19
C GLN A 438 1.84 -28.76 40.89
N LEU A 439 0.92 -29.72 40.87
CA LEU A 439 0.12 -29.99 39.67
C LEU A 439 -0.76 -28.80 39.29
N GLU A 440 -1.24 -28.07 40.32
CA GLU A 440 -2.18 -26.96 40.12
C GLU A 440 -1.47 -25.74 39.54
N LYS A 441 -0.18 -25.54 39.87
CA LYS A 441 0.50 -24.27 39.57
C LYS A 441 0.82 -24.01 38.10
N ALA A 442 0.31 -22.90 37.57
CA ALA A 442 0.50 -22.54 36.17
C ALA A 442 1.94 -22.14 35.82
N LEU A 443 2.41 -22.54 34.64
CA LEU A 443 3.80 -22.32 34.23
C LEU A 443 3.92 -21.66 32.86
N ASP A 444 4.94 -20.85 32.70
CA ASP A 444 5.11 -20.09 31.47
C ASP A 444 5.78 -20.91 30.40
N CYS A 445 5.16 -20.99 29.23
CA CYS A 445 5.82 -21.57 28.06
C CYS A 445 5.60 -20.73 26.81
N GLN A 446 6.35 -21.05 25.76
CA GLN A 446 6.23 -20.36 24.47
C GLN A 446 5.57 -21.23 23.40
N ILE A 447 4.60 -20.67 22.67
CA ILE A 447 4.06 -21.30 21.43
C ILE A 447 4.14 -20.26 20.29
N TYR A 448 4.79 -20.66 19.21
CA TYR A 448 5.17 -19.76 18.09
C TYR A 448 5.64 -18.37 18.55
N GLY A 449 6.49 -18.36 19.57
CA GLY A 449 7.05 -17.11 20.06
C GLY A 449 6.24 -16.40 21.12
N ALA A 450 4.92 -16.53 21.09
CA ALA A 450 4.11 -15.93 22.16
C ALA A 450 4.28 -16.72 23.45
N CYS A 451 4.24 -15.99 24.56
CA CYS A 451 4.32 -16.58 25.88
C CYS A 451 2.91 -16.94 26.39
N TYR A 452 2.78 -18.13 26.99
CA TYR A 452 1.52 -18.57 27.58
C TYR A 452 1.69 -19.11 29.00
N SER A 453 0.79 -18.71 29.89
CA SER A 453 0.70 -19.30 31.23
C SER A 453 -0.31 -20.46 31.19
N ILE A 454 0.19 -21.70 31.21
CA ILE A 454 -0.63 -22.92 31.10
C ILE A 454 -0.49 -23.68 32.41
N GLU A 455 -1.51 -24.44 32.79
CA GLU A 455 -1.37 -25.34 33.95
C GLU A 455 -1.38 -26.78 33.49
N PRO A 456 -0.56 -27.65 34.12
CA PRO A 456 -0.36 -29.00 33.60
C PRO A 456 -1.63 -29.85 33.63
N LEU A 457 -2.52 -29.56 34.56
CA LEU A 457 -3.78 -30.29 34.67
C LEU A 457 -4.69 -30.12 33.44
N ASP A 458 -4.45 -29.06 32.66
CA ASP A 458 -5.17 -28.82 31.42
C ASP A 458 -4.56 -29.51 30.19
N LEU A 459 -3.50 -30.27 30.37
CA LEU A 459 -2.84 -30.86 29.21
C LEU A 459 -3.68 -31.91 28.45
N PRO A 460 -4.54 -32.66 29.14
CA PRO A 460 -5.32 -33.63 28.38
C PRO A 460 -6.24 -32.99 27.35
N GLN A 461 -6.95 -31.92 27.72
CA GLN A 461 -7.90 -31.29 26.79
C GLN A 461 -7.17 -30.47 25.71
N ILE A 462 -6.16 -29.73 26.11
CA ILE A 462 -5.28 -29.05 25.17
C ILE A 462 -4.80 -30.00 24.08
N ILE A 463 -4.30 -31.16 24.48
CA ILE A 463 -3.80 -32.16 23.52
C ILE A 463 -4.94 -32.72 22.66
N GLU A 464 -6.10 -32.96 23.26
CA GLU A 464 -7.26 -33.41 22.50
C GLU A 464 -7.62 -32.43 21.39
N ARG A 465 -7.84 -31.16 21.75
CA ARG A 465 -8.13 -30.12 20.74
C ARG A 465 -7.06 -30.09 19.67
N LEU A 466 -5.81 -29.94 20.08
CA LEU A 466 -4.69 -29.73 19.14
C LEU A 466 -4.31 -30.93 18.25
N HIS A 467 -4.67 -32.13 18.71
CA HIS A 467 -4.21 -33.39 18.07
C HIS A 467 -5.28 -34.49 17.97
N GLY A 468 -6.39 -34.37 18.69
CA GLY A 468 -7.43 -35.41 18.66
C GLY A 468 -7.09 -36.61 19.53
N LEU A 469 -8.09 -37.41 19.87
CA LEU A 469 -7.94 -38.49 20.84
C LEU A 469 -6.74 -39.42 20.57
N SER A 470 -6.37 -39.54 19.30
CA SER A 470 -5.32 -40.47 18.89
C SER A 470 -3.98 -40.26 19.61
N ALA A 471 -3.68 -39.03 20.01
CA ALA A 471 -2.43 -38.74 20.71
C ALA A 471 -2.34 -39.45 22.05
N PHE A 472 -3.45 -40.06 22.49
CA PHE A 472 -3.49 -40.87 23.70
C PHE A 472 -3.46 -42.38 23.46
N THR A 473 -3.54 -42.78 22.18
CA THR A 473 -3.71 -44.18 21.78
C THR A 473 -2.78 -44.64 20.67
N LEU A 474 -1.85 -43.79 20.22
CA LEU A 474 -0.95 -44.19 19.14
C LEU A 474 -0.09 -45.36 19.56
N HIS A 475 0.28 -46.19 18.59
CA HIS A 475 1.22 -47.29 18.78
C HIS A 475 1.77 -47.70 17.42
N SER A 476 2.63 -48.71 17.40
CA SER A 476 3.24 -49.19 16.16
C SER A 476 3.91 -48.06 15.36
N TYR A 477 4.86 -47.41 16.04
CA TYR A 477 5.65 -46.35 15.44
C TYR A 477 6.64 -46.95 14.45
N SER A 478 7.16 -46.15 13.53
CA SER A 478 8.07 -46.69 12.52
C SER A 478 9.43 -47.02 13.12
N PRO A 479 10.17 -47.95 12.51
CA PRO A 479 11.45 -48.32 13.12
C PRO A 479 12.52 -47.23 12.96
N GLY A 480 12.41 -46.41 11.92
CA GLY A 480 13.31 -45.27 11.77
C GLY A 480 13.23 -44.33 12.96
N GLU A 481 12.00 -44.10 13.42
CA GLU A 481 11.70 -43.23 14.57
C GLU A 481 12.09 -43.88 15.91
N ILE A 482 11.74 -45.14 16.11
CA ILE A 482 12.13 -45.84 17.35
C ILE A 482 13.65 -45.86 17.45
N ASN A 483 14.31 -46.08 16.32
CA ASN A 483 15.76 -46.15 16.29
C ASN A 483 16.43 -44.81 16.60
N ARG A 484 15.88 -43.70 16.06
CA ARG A 484 16.40 -42.37 16.41
C ARG A 484 16.29 -42.08 17.91
N VAL A 485 15.12 -42.35 18.50
CA VAL A 485 14.92 -42.15 19.93
C VAL A 485 15.90 -42.97 20.75
N ALA A 486 15.98 -44.26 20.46
CA ALA A 486 16.78 -45.19 21.26
C ALA A 486 18.26 -44.84 21.25
N SER A 487 18.79 -44.57 20.06
CA SER A 487 20.16 -44.07 19.90
C SER A 487 20.42 -42.83 20.71
N CYS A 488 19.54 -41.83 20.57
CA CYS A 488 19.63 -40.56 21.29
C CYS A 488 19.86 -40.81 22.78
N LEU A 489 19.00 -41.66 23.35
CA LEU A 489 19.03 -41.95 24.79
C LEU A 489 20.34 -42.56 25.24
N ARG A 490 20.85 -43.47 24.41
CA ARG A 490 22.17 -44.08 24.65
C ARG A 490 23.30 -43.03 24.63
N LYS A 491 23.20 -42.08 23.69
CA LYS A 491 24.16 -41.00 23.58
C LYS A 491 24.12 -40.08 24.82
N LEU A 492 22.93 -39.75 25.30
CA LEU A 492 22.81 -38.79 26.41
C LEU A 492 22.81 -39.43 27.80
N GLY A 493 22.78 -40.75 27.87
CA GLY A 493 22.64 -41.45 29.15
C GLY A 493 21.26 -41.27 29.78
N VAL A 494 20.24 -41.29 28.94
CA VAL A 494 18.86 -41.34 29.42
C VAL A 494 18.49 -42.81 29.58
N PRO A 495 17.80 -43.20 30.65
CA PRO A 495 17.44 -44.63 30.74
C PRO A 495 16.62 -45.11 29.55
N PRO A 496 16.78 -46.38 29.15
CA PRO A 496 16.03 -46.89 27.99
C PRO A 496 14.52 -46.98 28.24
N LEU A 497 13.75 -47.00 27.16
CA LEU A 497 12.29 -46.80 27.23
C LEU A 497 11.57 -47.73 28.20
N ARG A 498 12.00 -48.98 28.29
CA ARG A 498 11.42 -49.88 29.29
C ARG A 498 11.50 -49.37 30.75
N THR A 499 12.49 -48.52 31.06
CA THR A 499 12.61 -47.94 32.39
C THR A 499 11.49 -46.93 32.54
N TRP A 500 11.29 -46.15 31.49
CA TRP A 500 10.23 -45.16 31.50
C TRP A 500 8.83 -45.78 31.62
N ARG A 501 8.59 -46.90 30.92
CA ARG A 501 7.35 -47.62 31.07
C ARG A 501 7.06 -47.95 32.53
N HIS A 502 8.06 -48.44 33.25
CA HIS A 502 7.85 -48.85 34.65
C HIS A 502 7.63 -47.67 35.59
N ARG A 503 8.36 -46.59 35.33
CA ARG A 503 8.16 -45.36 36.07
C ARG A 503 6.78 -44.78 35.74
N ALA A 504 6.37 -44.87 34.47
CA ALA A 504 5.06 -44.38 34.08
C ALA A 504 3.91 -45.09 34.81
N ARG A 505 3.98 -46.41 34.92
CA ARG A 505 2.96 -47.17 35.63
C ARG A 505 2.80 -46.75 37.08
N SER A 506 3.92 -46.51 37.75
CA SER A 506 3.91 -46.00 39.12
C SER A 506 3.29 -44.57 39.20
N VAL A 507 3.61 -43.72 38.23
CA VAL A 507 3.07 -42.37 38.19
C VAL A 507 1.56 -42.40 37.87
N ARG A 508 1.16 -43.24 36.90
CA ARG A 508 -0.24 -43.36 36.52
CA ARG A 508 -0.24 -43.35 36.51
C ARG A 508 -1.11 -43.73 37.71
N ALA A 509 -0.74 -44.83 38.37
CA ALA A 509 -1.41 -45.29 39.58
C ALA A 509 -1.56 -44.19 40.65
N LYS A 510 -0.60 -43.27 40.75
CA LYS A 510 -0.65 -42.22 41.78
C LYS A 510 -1.61 -41.11 41.43
N LEU A 511 -1.74 -40.82 40.14
CA LEU A 511 -2.66 -39.80 39.66
C LEU A 511 -4.11 -40.26 39.80
N LEU A 512 -4.36 -41.55 39.59
CA LEU A 512 -5.71 -42.11 39.73
C LEU A 512 -6.21 -41.94 41.14
N SER A 513 -5.39 -42.28 42.11
CA SER A 513 -5.76 -42.14 43.52
C SER A 513 -5.64 -40.71 44.02
N GLN A 514 -6.08 -39.73 43.22
CA GLN A 514 -5.90 -38.32 43.57
C GLN A 514 -7.24 -37.62 43.57
N GLY A 515 -7.89 -37.59 42.41
CA GLY A 515 -9.14 -36.87 42.28
C GLY A 515 -9.66 -36.93 40.88
N GLY A 516 -10.30 -35.85 40.44
CA GLY A 516 -10.67 -35.71 39.04
C GLY A 516 -9.43 -35.36 38.26
N ARG A 517 -9.53 -34.34 37.42
CA ARG A 517 -8.41 -33.74 36.68
C ARG A 517 -7.09 -34.50 36.73
N ALA A 518 -6.51 -34.64 37.92
CA ALA A 518 -5.27 -35.42 38.05
C ALA A 518 -5.45 -36.83 37.50
N ALA A 519 -6.49 -37.50 37.98
CA ALA A 519 -6.82 -38.84 37.48
C ALA A 519 -7.08 -38.86 35.98
N THR A 520 -7.70 -37.80 35.47
CA THR A 520 -7.91 -37.63 34.03
C THR A 520 -6.58 -37.59 33.26
N CYS A 521 -5.56 -37.01 33.87
CA CYS A 521 -4.21 -37.04 33.33
C CYS A 521 -3.72 -38.48 33.29
N GLY A 522 -3.78 -39.14 34.44
CA GLY A 522 -3.44 -40.55 34.51
C GLY A 522 -4.11 -41.37 33.42
N ARG A 523 -5.43 -41.26 33.34
CA ARG A 523 -6.26 -42.05 32.41
C ARG A 523 -5.83 -41.83 30.97
N TYR A 524 -5.81 -40.56 30.56
CA TYR A 524 -5.51 -40.18 29.16
C TYR A 524 -4.01 -40.11 28.82
N LEU A 525 -3.22 -39.41 29.64
CA LEU A 525 -1.80 -39.24 29.30
C LEU A 525 -0.98 -40.54 29.36
N PHE A 526 -1.34 -41.42 30.27
CA PHE A 526 -0.55 -42.63 30.54
C PHE A 526 -1.28 -43.95 30.23
N ASN A 527 -2.23 -43.91 29.31
CA ASN A 527 -2.93 -45.10 28.88
C ASN A 527 -2.02 -46.03 28.10
N TRP A 528 -0.93 -45.49 27.56
CA TRP A 528 0.05 -46.29 26.82
C TRP A 528 0.86 -47.26 27.71
N ALA A 529 0.81 -47.06 29.03
CA ALA A 529 1.65 -47.83 29.95
C ALA A 529 0.91 -49.02 30.57
N VAL A 530 -0.34 -48.80 30.95
CA VAL A 530 -1.16 -49.75 31.71
C VAL A 530 -1.42 -51.06 30.93
N ARG A 531 -1.66 -52.14 31.70
CA ARG A 531 -1.92 -53.48 31.12
C ARG A 531 -3.28 -53.47 30.41
N THR A 532 -4.34 -53.16 31.18
CA THR A 532 -5.70 -53.05 30.64
C THR A 532 -5.98 -51.67 30.05
N LYS A 533 -5.64 -51.54 28.76
CA LYS A 533 -6.31 -50.66 27.80
C LYS A 533 -7.67 -50.15 28.26
N LEU A 534 -8.04 -48.93 27.87
CA LEU A 534 -9.23 -48.26 28.42
C LEU A 534 -10.11 -47.53 27.38
N LYS A 535 -11.39 -47.40 27.71
CA LYS A 535 -12.40 -46.62 26.97
C LYS A 535 -11.89 -45.46 26.09
N LEU A 536 -11.72 -44.28 26.69
CA LEU A 536 -11.26 -43.03 26.04
C LEU A 536 -12.33 -42.39 25.14
N THR A 537 -13.19 -41.62 25.82
CA THR A 537 -14.27 -40.85 25.20
C THR A 537 -13.82 -39.39 25.21
N PRO A 538 -14.41 -38.53 24.36
CA PRO A 538 -14.01 -37.12 24.47
C PRO A 538 -14.17 -36.56 25.89
N ILE A 539 -13.32 -35.59 26.22
CA ILE A 539 -13.29 -34.95 27.54
C ILE A 539 -14.20 -33.71 27.57
N PRO A 540 -15.04 -33.56 28.62
CA PRO A 540 -15.98 -32.44 28.76
C PRO A 540 -15.50 -31.08 28.25
N ALA A 541 -14.43 -30.53 28.80
CA ALA A 541 -14.00 -29.16 28.44
C ALA A 541 -13.37 -29.06 27.03
N ASP A 546 -10.74 -21.53 25.70
CA ASP A 546 -10.51 -20.66 24.54
C ASP A 546 -9.15 -20.92 23.89
N LEU A 547 -9.15 -21.42 22.65
CA LEU A 547 -7.91 -21.70 21.92
C LEU A 547 -7.93 -20.93 20.61
N SER A 548 -8.72 -19.86 20.63
CA SER A 548 -9.06 -19.13 19.42
C SER A 548 -7.87 -18.32 18.88
N GLY A 549 -6.90 -18.03 19.74
CA GLY A 549 -5.78 -17.17 19.35
C GLY A 549 -4.44 -17.87 19.38
N TRP A 550 -4.44 -19.19 19.22
CA TRP A 550 -3.21 -19.95 19.44
C TRP A 550 -2.35 -20.11 18.19
N PHE A 551 -3.01 -20.32 17.06
CA PHE A 551 -2.28 -20.57 15.84
C PHE A 551 -2.74 -19.59 14.79
N VAL A 552 -2.55 -18.31 15.08
CA VAL A 552 -2.95 -17.24 14.21
C VAL A 552 -1.72 -16.61 13.55
N ALA A 553 -0.69 -16.31 14.34
CA ALA A 553 0.54 -15.77 13.78
C ALA A 553 1.75 -16.09 14.62
N GLY A 554 2.91 -15.76 14.07
CA GLY A 554 4.18 -15.88 14.77
C GLY A 554 4.65 -14.56 15.36
N TYR A 555 5.30 -14.66 16.51
CA TYR A 555 5.66 -13.48 17.30
C TYR A 555 7.04 -13.61 17.92
N SER A 556 7.89 -14.46 17.33
CA SER A 556 9.23 -14.69 17.86
C SER A 556 10.03 -13.41 17.96
N GLY A 557 10.54 -13.11 19.15
CA GLY A 557 11.26 -11.86 19.40
C GLY A 557 10.38 -10.62 19.57
N GLY A 558 9.07 -10.81 19.47
CA GLY A 558 8.13 -9.69 19.42
C GLY A 558 7.60 -9.23 20.76
N ASP A 559 8.01 -9.89 21.85
CA ASP A 559 7.63 -9.46 23.21
C ASP A 559 6.11 -9.56 23.43
N ILE A 560 5.55 -10.72 23.14
CA ILE A 560 4.10 -10.93 23.24
C ILE A 560 3.73 -11.94 24.30
N TYR A 561 2.70 -11.61 25.06
CA TYR A 561 2.11 -12.48 26.07
C TYR A 561 0.60 -12.57 25.82
N HIS A 562 0.02 -13.75 26.04
CA HIS A 562 -1.43 -13.95 25.96
C HIS A 562 -1.98 -14.61 27.21
N SER B 1 -18.16 18.95 10.16
CA SER B 1 -17.01 19.79 9.71
C SER B 1 -17.41 20.80 8.63
N MET B 2 -16.99 22.06 8.82
CA MET B 2 -17.27 23.13 7.87
C MET B 2 -16.20 23.14 6.78
N SER B 3 -16.62 23.30 5.53
CA SER B 3 -15.68 23.42 4.42
C SER B 3 -14.82 24.67 4.55
N TYR B 4 -15.38 25.74 5.13
CA TYR B 4 -14.65 26.99 5.34
C TYR B 4 -15.15 27.73 6.60
N THR B 5 -14.22 28.32 7.35
CA THR B 5 -14.57 29.38 8.29
C THR B 5 -13.90 30.67 7.85
N TRP B 6 -14.52 31.79 8.20
CA TRP B 6 -14.07 33.10 7.75
C TRP B 6 -13.87 34.03 8.94
N THR B 7 -12.78 34.79 8.93
CA THR B 7 -12.53 35.79 9.97
C THR B 7 -13.29 37.09 9.75
N GLY B 8 -13.59 37.40 8.50
CA GLY B 8 -14.17 38.68 8.12
C GLY B 8 -13.25 39.48 7.21
N ALA B 9 -11.95 39.17 7.24
CA ALA B 9 -11.00 39.88 6.38
C ALA B 9 -11.27 39.58 4.90
N LEU B 10 -11.18 40.63 4.11
CA LEU B 10 -11.60 40.59 2.70
C LEU B 10 -10.74 39.69 1.84
N ILE B 11 -11.35 39.21 0.76
CA ILE B 11 -10.61 38.56 -0.30
C ILE B 11 -10.24 39.70 -1.25
N THR B 12 -8.94 39.92 -1.39
CA THR B 12 -8.43 41.10 -2.06
C THR B 12 -7.80 40.76 -3.41
N PRO B 13 -7.83 41.72 -4.36
CA PRO B 13 -7.33 41.52 -5.72
C PRO B 13 -5.82 41.76 -5.86
N CYS B 14 -5.26 41.31 -6.99
CA CYS B 14 -3.81 41.43 -7.25
C CYS B 14 -3.46 42.82 -7.76
N ALA B 16 -5.40 45.68 -9.89
CA ALA B 16 -5.84 45.68 -11.29
C ALA B 16 -7.35 45.39 -11.39
N GLU B 17 -7.76 44.67 -12.44
CA GLU B 17 -9.09 44.00 -12.59
C GLU B 17 -10.11 44.71 -13.51
N GLU B 18 -10.07 44.34 -14.79
CA GLU B 18 -11.02 44.81 -15.81
C GLU B 18 -10.84 46.31 -16.12
N LEU B 30 -15.46 41.59 -33.00
CA LEU B 30 -15.93 40.26 -33.36
C LEU B 30 -17.45 40.15 -33.21
N LEU B 31 -17.94 40.54 -32.04
CA LEU B 31 -19.37 40.62 -31.74
C LEU B 31 -19.72 42.06 -31.47
N ARG B 32 -20.98 42.42 -31.64
CA ARG B 32 -21.40 43.82 -31.61
C ARG B 32 -22.15 44.26 -30.33
N HIS B 33 -22.65 43.30 -29.54
CA HIS B 33 -23.35 43.63 -28.29
C HIS B 33 -22.38 43.45 -27.14
N HIS B 34 -21.51 44.43 -26.99
CA HIS B 34 -20.41 44.35 -26.02
CA HIS B 34 -20.40 44.37 -26.03
C HIS B 34 -20.88 44.17 -24.59
N ASN B 35 -22.08 44.67 -24.28
CA ASN B 35 -22.61 44.58 -22.92
C ASN B 35 -23.00 43.17 -22.45
N MET B 36 -23.15 42.23 -23.40
CA MET B 36 -23.44 40.82 -23.09
C MET B 36 -22.25 40.08 -22.45
N VAL B 37 -21.05 40.67 -22.56
CA VAL B 37 -19.81 40.06 -22.10
C VAL B 37 -19.33 40.70 -20.79
N TYR B 38 -18.92 39.85 -19.83
CA TYR B 38 -18.38 40.33 -18.56
C TYR B 38 -17.26 39.40 -18.08
N ALA B 39 -16.34 39.97 -17.30
CA ALA B 39 -15.35 39.19 -16.55
C ALA B 39 -15.65 39.30 -15.06
N THR B 40 -15.38 38.23 -14.32
CA THR B 40 -15.60 38.20 -12.88
C THR B 40 -14.47 38.95 -12.18
N THR B 41 -14.82 39.65 -11.10
CA THR B 41 -13.83 40.28 -10.22
C THR B 41 -14.07 39.86 -8.77
N SER B 42 -13.24 40.41 -7.88
CA SER B 42 -13.30 40.12 -6.45
C SER B 42 -14.47 40.80 -5.71
N ARG B 43 -15.28 41.59 -6.40
CA ARG B 43 -16.47 42.18 -5.77
C ARG B 43 -17.54 41.10 -5.56
N SER B 44 -17.56 40.11 -6.44
CA SER B 44 -18.51 38.97 -6.32
C SER B 44 -17.97 37.87 -5.40
N ALA B 45 -16.82 38.10 -4.78
CA ALA B 45 -16.19 37.11 -3.91
C ALA B 45 -17.11 36.58 -2.81
N SER B 46 -17.77 37.47 -2.08
CA SER B 46 -18.59 37.05 -0.95
C SER B 46 -19.79 36.19 -1.42
N LEU B 47 -20.25 36.40 -2.64
CA LEU B 47 -21.31 35.59 -3.21
C LEU B 47 -20.85 34.16 -3.48
N ARG B 48 -19.61 34.00 -3.91
CA ARG B 48 -18.99 32.67 -3.99
C ARG B 48 -18.84 31.99 -2.62
N GLN B 49 -18.56 32.76 -1.58
CA GLN B 49 -18.38 32.20 -0.24
C GLN B 49 -19.64 31.50 0.26
N LYS B 50 -20.77 32.18 0.19
CA LYS B 50 -22.03 31.57 0.58
C LYS B 50 -22.20 30.24 -0.18
N LYS B 51 -21.86 30.26 -1.46
CA LYS B 51 -22.02 29.09 -2.32
C LYS B 51 -21.24 27.85 -1.82
N VAL B 52 -20.05 28.09 -1.28
CA VAL B 52 -19.08 27.00 -1.04
C VAL B 52 -18.90 26.63 0.42
N THR B 53 -19.56 27.37 1.31
CA THR B 53 -19.32 27.29 2.73
C THR B 53 -20.45 26.47 3.32
N PHE B 54 -20.17 25.24 3.73
CA PHE B 54 -21.22 24.42 4.37
C PHE B 54 -20.68 23.24 5.16
N ASP B 55 -21.55 22.67 5.99
CA ASP B 55 -21.24 21.46 6.73
C ASP B 55 -21.35 20.24 5.80
N ARG B 56 -20.47 19.25 6.00
CA ARG B 56 -20.51 17.99 5.22
C ARG B 56 -20.76 16.82 6.15
N LEU B 57 -21.91 16.19 6.01
CA LEU B 57 -22.20 14.95 6.72
C LEU B 57 -21.91 13.76 5.77
N GLN B 58 -21.08 12.83 6.22
CA GLN B 58 -20.63 11.73 5.37
C GLN B 58 -20.85 10.38 6.06
N VAL B 59 -21.51 9.48 5.33
CA VAL B 59 -21.74 8.15 5.83
C VAL B 59 -21.30 7.20 4.72
N LEU B 60 -20.28 6.40 5.01
CA LEU B 60 -19.73 5.42 4.07
C LEU B 60 -20.23 4.00 4.37
N ASP B 61 -20.54 3.24 3.32
CA ASP B 61 -21.09 1.86 3.43
C ASP B 61 -20.19 0.76 2.78
N ASP B 62 -20.69 -0.47 2.76
CA ASP B 62 -19.93 -1.62 2.26
C ASP B 62 -19.53 -1.47 0.79
N HIS B 63 -20.36 -0.80 0.01
CA HIS B 63 -20.06 -0.64 -1.40
C HIS B 63 -18.83 0.24 -1.61
N TYR B 64 -18.73 1.29 -0.80
CA TYR B 64 -17.65 2.27 -0.89
C TYR B 64 -16.35 1.58 -0.52
N ARG B 65 -16.40 0.80 0.55
CA ARG B 65 -15.24 0.07 1.02
C ARG B 65 -14.79 -1.00 0.03
N ASP B 66 -15.75 -1.68 -0.61
CA ASP B 66 -15.41 -2.74 -1.55
C ASP B 66 -14.71 -2.10 -2.74
N VAL B 67 -15.25 -0.98 -3.22
CA VAL B 67 -14.68 -0.25 -4.36
C VAL B 67 -13.31 0.31 -4.03
N LEU B 68 -13.15 0.78 -2.79
CA LEU B 68 -11.87 1.30 -2.33
C LEU B 68 -10.80 0.21 -2.41
N LYS B 69 -11.05 -0.88 -1.69
CA LYS B 69 -10.16 -2.06 -1.75
C LYS B 69 -9.79 -2.39 -3.20
N GLU B 70 -10.79 -2.47 -4.09
CA GLU B 70 -10.52 -2.76 -5.52
C GLU B 70 -9.60 -1.74 -6.20
N MET B 71 -9.84 -0.45 -5.97
CA MET B 71 -8.99 0.60 -6.56
C MET B 71 -7.57 0.46 -6.03
N LYS B 72 -7.45 0.23 -4.72
CA LYS B 72 -6.15 0.06 -4.10
C LYS B 72 -5.41 -1.13 -4.70
N ALA B 73 -6.11 -2.24 -4.91
CA ALA B 73 -5.49 -3.40 -5.54
C ALA B 73 -4.79 -3.01 -6.86
N LYS B 74 -5.43 -2.11 -7.60
CA LYS B 74 -4.93 -1.66 -8.90
C LYS B 74 -3.74 -0.70 -8.78
N ALA B 75 -3.82 0.22 -7.83
CA ALA B 75 -2.73 1.20 -7.58
C ALA B 75 -1.43 0.52 -7.20
N SER B 76 -1.54 -0.67 -6.60
CA SER B 76 -0.41 -1.52 -6.17
C SER B 76 0.56 -1.91 -7.27
N THR B 77 0.11 -1.81 -8.52
CA THR B 77 0.93 -2.13 -9.70
C THR B 77 1.93 -1.02 -10.04
N VAL B 78 1.76 0.15 -9.43
CA VAL B 78 2.51 1.33 -9.85
C VAL B 78 3.81 1.52 -9.10
N LYS B 79 4.87 1.78 -9.86
CA LYS B 79 6.15 2.20 -9.35
C LYS B 79 6.37 3.66 -9.74
N ALA B 80 6.47 4.56 -8.76
CA ALA B 80 6.64 5.98 -9.07
C ALA B 80 8.00 6.57 -8.68
N LYS B 81 8.56 7.40 -9.57
CA LYS B 81 9.88 7.99 -9.37
CA LYS B 81 9.88 7.98 -9.37
C LYS B 81 9.80 9.37 -8.71
N LEU B 82 10.80 9.68 -7.90
CA LEU B 82 11.05 11.05 -7.41
C LEU B 82 11.61 11.88 -8.54
N LEU B 83 11.09 13.08 -8.71
CA LEU B 83 11.64 14.02 -9.67
C LEU B 83 12.80 14.77 -9.02
N SER B 84 13.86 15.01 -9.77
CA SER B 84 14.96 15.87 -9.26
C SER B 84 14.54 17.34 -9.27
N ILE B 85 15.28 18.15 -8.54
CA ILE B 85 15.04 19.59 -8.56
C ILE B 85 14.96 20.08 -10.02
N GLU B 86 16.01 19.79 -10.80
CA GLU B 86 16.09 20.21 -12.20
C GLU B 86 14.78 19.96 -12.94
N GLU B 87 14.29 18.71 -12.86
CA GLU B 87 13.11 18.28 -13.64
C GLU B 87 11.83 19.00 -13.20
N ALA B 88 11.67 19.23 -11.90
CA ALA B 88 10.52 19.93 -11.34
C ALA B 88 10.53 21.41 -11.70
N CYS B 89 11.68 22.05 -11.57
CA CYS B 89 11.85 23.42 -12.07
C CYS B 89 11.46 23.60 -13.54
N LYS B 90 11.78 22.64 -14.39
CA LYS B 90 11.49 22.80 -15.84
C LYS B 90 9.97 22.65 -16.16
N LEU B 91 9.22 22.00 -15.26
CA LEU B 91 7.75 21.93 -15.35
C LEU B 91 7.03 23.22 -14.87
N THR B 92 7.75 24.11 -14.21
CA THR B 92 7.17 25.34 -13.71
C THR B 92 6.87 26.35 -14.85
N PRO B 93 5.64 26.89 -14.91
CA PRO B 93 5.33 27.86 -15.95
C PRO B 93 6.07 29.15 -15.73
N PRO B 94 6.49 29.79 -16.83
CA PRO B 94 7.22 31.04 -16.80
C PRO B 94 6.57 32.19 -16.01
N HIS B 95 5.25 32.21 -15.89
CA HIS B 95 4.55 33.28 -15.13
C HIS B 95 3.83 32.76 -13.88
N SER B 96 4.21 31.57 -13.42
CA SER B 96 3.76 31.10 -12.12
C SER B 96 4.03 32.21 -11.10
N ALA B 97 3.11 32.39 -10.17
CA ALA B 97 3.23 33.44 -9.16
C ALA B 97 4.53 33.32 -8.33
N LYS B 98 5.24 34.44 -8.23
CA LYS B 98 6.51 34.48 -7.52
C LYS B 98 6.39 34.08 -6.07
N SER B 99 7.53 33.69 -5.50
CA SER B 99 7.58 33.35 -4.09
C SER B 99 7.66 34.61 -3.24
N LYS B 100 7.14 34.50 -2.01
CA LYS B 100 7.32 35.55 -1.01
C LYS B 100 8.74 35.57 -0.46
N PHE B 101 9.57 34.63 -0.89
CA PHE B 101 10.93 34.53 -0.35
C PHE B 101 11.99 35.17 -1.27
N GLY B 102 11.55 36.05 -2.17
CA GLY B 102 12.49 36.87 -2.94
C GLY B 102 12.98 36.31 -4.27
N TYR B 103 12.25 35.35 -4.83
CA TYR B 103 12.50 34.86 -6.16
C TYR B 103 11.20 34.55 -6.83
N GLY B 104 11.26 34.38 -8.14
CA GLY B 104 10.08 34.15 -8.96
C GLY B 104 10.25 32.97 -9.89
N ALA B 105 9.33 32.83 -10.84
CA ALA B 105 9.28 31.67 -11.73
C ALA B 105 10.47 31.58 -12.68
N LYS B 106 10.89 32.72 -13.22
CA LYS B 106 12.12 32.85 -14.02
C LYS B 106 13.35 32.34 -13.25
N ASP B 107 13.41 32.67 -11.96
CA ASP B 107 14.51 32.22 -11.12
C ASP B 107 14.45 30.71 -10.91
N VAL B 108 13.25 30.14 -10.70
CA VAL B 108 13.12 28.69 -10.58
C VAL B 108 13.59 27.97 -11.85
N ARG B 109 13.14 28.45 -13.00
CA ARG B 109 13.44 27.81 -14.28
C ARG B 109 14.93 27.84 -14.60
N ASN B 110 15.60 28.91 -14.14
CA ASN B 110 17.05 29.11 -14.31
C ASN B 110 17.92 28.40 -13.25
N LEU B 111 17.29 27.69 -12.32
CA LEU B 111 18.00 27.08 -11.21
C LEU B 111 18.85 28.12 -10.46
N SER B 112 18.27 29.29 -10.19
CA SER B 112 18.98 30.33 -9.45
C SER B 112 19.24 29.81 -8.03
N SER B 113 20.37 30.23 -7.47
CA SER B 113 20.81 29.71 -6.18
CA SER B 113 20.83 29.75 -6.16
C SER B 113 19.85 30.06 -5.06
N ARG B 114 19.15 31.18 -5.18
CA ARG B 114 18.21 31.59 -4.13
C ARG B 114 16.98 30.70 -4.16
N ALA B 115 16.48 30.45 -5.36
CA ALA B 115 15.30 29.62 -5.54
C ALA B 115 15.56 28.18 -5.07
N VAL B 116 16.58 27.59 -5.69
CA VAL B 116 17.02 26.22 -5.42
C VAL B 116 17.32 25.96 -3.95
N ASN B 117 18.08 26.84 -3.33
CA ASN B 117 18.35 26.74 -1.91
C ASN B 117 17.07 26.79 -1.07
N HIS B 118 16.10 27.62 -1.47
CA HIS B 118 14.88 27.72 -0.70
C HIS B 118 14.00 26.52 -0.95
N ILE B 119 14.01 25.99 -2.17
CA ILE B 119 13.28 24.76 -2.47
C ILE B 119 13.84 23.59 -1.65
N ARG B 120 15.17 23.47 -1.62
CA ARG B 120 15.85 22.43 -0.84
C ARG B 120 15.40 22.47 0.62
N SER B 121 15.25 23.70 1.14
CA SER B 121 14.80 23.96 2.51
C SER B 121 13.37 23.50 2.75
N VAL B 122 12.51 23.70 1.76
CA VAL B 122 11.10 23.39 1.91
C VAL B 122 10.92 21.87 1.96
N TRP B 123 11.67 21.18 1.11
CA TRP B 123 11.70 19.71 1.11
C TRP B 123 12.13 19.15 2.47
N GLU B 124 13.27 19.61 2.97
CA GLU B 124 13.78 19.14 4.26
C GLU B 124 12.77 19.38 5.38
N ASP B 125 12.05 20.50 5.31
CA ASP B 125 11.05 20.83 6.30
C ASP B 125 9.85 19.86 6.27
N LEU B 126 9.56 19.31 5.10
CA LEU B 126 8.53 18.27 4.99
C LEU B 126 8.98 16.97 5.68
N LEU B 127 10.30 16.70 5.64
CA LEU B 127 10.87 15.55 6.37
C LEU B 127 10.98 15.80 7.86
N GLU B 128 11.22 17.05 8.22
CA GLU B 128 11.51 17.42 9.61
C GLU B 128 10.27 17.85 10.41
N ASP B 129 9.15 18.10 9.73
CA ASP B 129 7.93 18.58 10.38
C ASP B 129 6.69 17.93 9.74
N THR B 130 5.87 17.27 10.57
CA THR B 130 4.78 16.42 10.09
C THR B 130 3.38 16.95 10.37
N GLU B 131 3.27 18.12 11.01
CA GLU B 131 1.96 18.60 11.50
C GLU B 131 1.62 20.06 11.12
N THR B 132 2.54 20.99 11.23
CA THR B 132 2.20 22.40 11.04
C THR B 132 1.47 22.67 9.70
N PRO B 133 0.29 23.30 9.77
CA PRO B 133 -0.38 23.68 8.55
C PRO B 133 0.50 24.54 7.69
N ILE B 134 0.48 24.33 6.38
CA ILE B 134 1.27 25.14 5.44
C ILE B 134 0.43 26.29 4.92
N ASP B 135 1.01 27.47 4.81
CA ASP B 135 0.25 28.64 4.40
C ASP B 135 -0.21 28.60 2.94
N THR B 136 -1.38 29.20 2.71
CA THR B 136 -1.96 29.33 1.39
C THR B 136 -2.53 30.71 1.19
N THR B 137 -2.57 31.12 -0.07
CA THR B 137 -3.14 32.41 -0.49
C THR B 137 -4.46 32.16 -1.16
N ILE B 138 -5.43 33.02 -0.87
CA ILE B 138 -6.74 32.92 -1.51
C ILE B 138 -6.99 34.17 -2.37
N MET B 139 -7.51 33.94 -3.57
CA MET B 139 -7.77 34.99 -4.54
C MET B 139 -9.09 34.71 -5.25
N ALA B 140 -9.58 35.70 -5.97
CA ALA B 140 -10.66 35.52 -6.90
C ALA B 140 -10.05 35.39 -8.28
N LYS B 141 -10.70 34.62 -9.15
CA LYS B 141 -10.19 34.38 -10.50
C LYS B 141 -10.94 35.22 -11.49
N SER B 142 -10.20 35.72 -12.49
CA SER B 142 -10.79 36.49 -13.58
C SER B 142 -11.19 35.54 -14.69
N GLU B 143 -12.50 35.40 -14.91
CA GLU B 143 -13.02 34.55 -15.97
C GLU B 143 -14.15 35.27 -16.74
N VAL B 144 -14.17 35.07 -18.06
CA VAL B 144 -15.10 35.78 -18.95
C VAL B 144 -16.27 34.91 -19.38
N PHE B 145 -17.47 35.49 -19.34
CA PHE B 145 -18.69 34.79 -19.73
C PHE B 145 -19.66 35.72 -20.46
N CYS B 146 -20.71 35.12 -21.01
CA CYS B 146 -21.84 35.87 -21.55
C CYS B 146 -22.97 35.94 -20.53
N VAL B 147 -23.51 37.15 -20.33
CA VAL B 147 -24.66 37.41 -19.44
C VAL B 147 -25.81 36.45 -19.69
N GLN B 148 -26.61 36.18 -18.64
CA GLN B 148 -27.84 35.39 -18.81
C GLN B 148 -28.96 35.68 -17.81
N ARG B 154 -25.85 36.24 -13.42
CA ARG B 154 -24.42 36.46 -13.62
C ARG B 154 -23.56 35.67 -12.63
N LYS B 155 -22.56 34.94 -13.15
CA LYS B 155 -21.75 34.06 -12.31
C LYS B 155 -20.75 34.86 -11.48
N PRO B 156 -20.55 34.46 -10.22
CA PRO B 156 -19.51 35.06 -9.36
C PRO B 156 -18.12 34.47 -9.59
N ALA B 157 -17.10 35.17 -9.11
CA ALA B 157 -15.75 34.67 -9.29
C ALA B 157 -15.54 33.31 -8.61
N ARG B 158 -14.76 32.44 -9.26
CA ARG B 158 -14.24 31.25 -8.58
C ARG B 158 -13.11 31.72 -7.65
N LEU B 159 -12.97 31.03 -6.52
CA LEU B 159 -11.89 31.30 -5.58
C LEU B 159 -10.84 30.21 -5.66
N ILE B 160 -9.60 30.61 -5.96
CA ILE B 160 -8.47 29.67 -6.08
CA ILE B 160 -8.50 29.66 -6.05
C ILE B 160 -7.59 29.81 -4.83
N VAL B 161 -7.07 28.68 -4.37
CA VAL B 161 -6.26 28.58 -3.16
C VAL B 161 -4.96 27.85 -3.50
N PHE B 162 -3.83 28.41 -3.10
CA PHE B 162 -2.54 27.83 -3.46
C PHE B 162 -1.41 28.19 -2.51
N PRO B 163 -0.41 27.28 -2.38
CA PRO B 163 0.79 27.52 -1.61
C PRO B 163 1.87 28.25 -2.40
N ASP B 164 2.90 28.67 -1.68
CA ASP B 164 4.05 29.33 -2.25
C ASP B 164 4.78 28.44 -3.28
N LEU B 165 5.41 29.10 -4.23
CA LEU B 165 6.18 28.47 -5.28
C LEU B 165 7.15 27.41 -4.78
N GLY B 166 7.85 27.70 -3.68
CA GLY B 166 8.75 26.72 -3.09
C GLY B 166 8.06 25.37 -2.91
N VAL B 167 6.91 25.42 -2.24
CA VAL B 167 6.08 24.26 -2.00
C VAL B 167 5.59 23.63 -3.31
N ARG B 168 5.15 24.44 -4.25
CA ARG B 168 4.63 23.89 -5.52
C ARG B 168 5.68 23.06 -6.26
N VAL B 169 6.96 23.43 -6.13
CA VAL B 169 8.02 22.69 -6.79
C VAL B 169 8.25 21.40 -6.03
N CYS B 170 8.13 21.44 -4.72
CA CYS B 170 8.28 20.22 -3.92
C CYS B 170 7.19 19.20 -4.23
N GLU B 171 5.98 19.69 -4.44
CA GLU B 171 4.86 18.83 -4.75
C GLU B 171 5.16 18.00 -5.98
N LYS B 172 5.73 18.65 -6.97
CA LYS B 172 6.09 17.98 -8.20
C LYS B 172 7.12 16.88 -7.91
N MET B 173 8.08 17.16 -7.05
CA MET B 173 9.16 16.21 -6.83
C MET B 173 8.56 14.94 -6.26
N ALA B 174 7.61 15.13 -5.35
CA ALA B 174 6.98 14.01 -4.64
C ALA B 174 5.95 13.32 -5.51
N LEU B 175 5.16 14.09 -6.26
CA LEU B 175 3.88 13.60 -6.78
C LEU B 175 3.63 13.74 -8.27
N TYR B 176 4.52 14.42 -9.00
CA TYR B 176 4.28 14.59 -10.43
C TYR B 176 4.09 13.24 -11.13
N ASP B 177 5.06 12.35 -10.98
CA ASP B 177 4.95 11.04 -11.63
C ASP B 177 3.68 10.28 -11.18
N VAL B 178 3.44 10.26 -9.89
CA VAL B 178 2.24 9.63 -9.33
C VAL B 178 0.98 10.11 -10.01
N VAL B 179 0.76 11.43 -10.08
CA VAL B 179 -0.48 11.97 -10.66
C VAL B 179 -0.54 11.79 -12.16
N SER B 180 0.61 11.60 -12.80
CA SER B 180 0.67 11.33 -14.26
C SER B 180 0.40 9.88 -14.67
N THR B 181 0.51 8.94 -13.75
CA THR B 181 0.46 7.50 -14.07
C THR B 181 -0.56 6.65 -13.30
N LEU B 182 -0.91 7.05 -12.08
CA LEU B 182 -1.74 6.22 -11.21
C LEU B 182 -3.23 6.19 -11.61
N PRO B 183 -3.78 7.32 -12.05
CA PRO B 183 -5.21 7.30 -12.36
C PRO B 183 -5.56 6.29 -13.44
N GLN B 184 -4.78 6.29 -14.52
CA GLN B 184 -4.87 5.27 -15.59
C GLN B 184 -4.74 3.86 -15.07
N ALA B 185 -3.74 3.63 -14.21
CA ALA B 185 -3.56 2.31 -13.60
C ALA B 185 -4.76 1.91 -12.74
N VAL B 186 -5.39 2.86 -12.07
CA VAL B 186 -6.56 2.55 -11.22
C VAL B 186 -7.88 2.44 -11.99
N MET B 187 -8.10 3.32 -12.95
CA MET B 187 -9.43 3.45 -13.55
C MET B 187 -9.54 2.90 -14.98
N GLY B 188 -8.41 2.68 -15.64
CA GLY B 188 -8.38 2.04 -16.94
C GLY B 188 -8.94 2.94 -18.02
N SER B 189 -9.89 2.42 -18.79
CA SER B 189 -10.51 3.20 -19.87
C SER B 189 -11.39 4.35 -19.33
N SER B 190 -11.79 4.31 -18.08
CA SER B 190 -12.63 5.35 -17.52
C SER B 190 -11.89 6.67 -17.18
N TYR B 191 -10.55 6.66 -17.19
CA TYR B 191 -9.80 7.90 -16.95
C TYR B 191 -9.87 8.77 -18.20
N GLY B 192 -10.56 9.90 -18.08
CA GLY B 192 -10.93 10.69 -19.26
C GLY B 192 -9.79 11.40 -19.94
N PHE B 193 -8.80 11.83 -19.17
CA PHE B 193 -7.68 12.62 -19.71
C PHE B 193 -6.67 11.81 -20.52
N GLN B 194 -6.81 10.48 -20.56
CA GLN B 194 -6.00 9.64 -21.44
C GLN B 194 -6.39 9.78 -22.93
N TYR B 195 -7.54 10.41 -23.17
CA TYR B 195 -8.16 10.48 -24.51
C TYR B 195 -8.06 11.83 -25.18
N SER B 196 -7.65 11.81 -26.45
CA SER B 196 -7.83 12.98 -27.31
C SER B 196 -9.33 13.20 -27.55
N PRO B 197 -9.70 14.32 -28.21
CA PRO B 197 -11.10 14.52 -28.54
C PRO B 197 -11.64 13.39 -29.40
N LYS B 198 -10.87 13.00 -30.41
CA LYS B 198 -11.27 11.89 -31.27
C LYS B 198 -11.41 10.57 -30.49
N GLN B 199 -10.45 10.28 -29.62
CA GLN B 199 -10.50 9.05 -28.83
C GLN B 199 -11.59 9.09 -27.77
N ARG B 200 -11.94 10.29 -27.30
CA ARG B 200 -13.03 10.46 -26.32
C ARG B 200 -14.40 10.15 -26.95
N VAL B 201 -14.58 10.59 -28.19
CA VAL B 201 -15.81 10.34 -28.94
C VAL B 201 -15.90 8.86 -29.30
N GLU B 202 -14.84 8.32 -29.86
CA GLU B 202 -14.79 6.90 -30.16
C GLU B 202 -15.16 6.08 -28.93
N PHE B 203 -14.77 6.54 -27.74
CA PHE B 203 -15.03 5.78 -26.53
C PHE B 203 -16.50 5.87 -26.15
N LEU B 204 -17.03 7.08 -26.13
CA LEU B 204 -18.46 7.30 -25.86
C LEU B 204 -19.32 6.52 -26.85
N VAL B 205 -19.04 6.68 -28.15
CA VAL B 205 -19.78 5.99 -29.19
C VAL B 205 -19.78 4.48 -28.92
N ASN B 206 -18.59 3.86 -28.93
CA ASN B 206 -18.51 2.41 -28.73
C ASN B 206 -19.25 1.94 -27.49
N THR B 207 -19.00 2.62 -26.38
CA THR B 207 -19.68 2.31 -25.14
C THR B 207 -21.20 2.32 -25.31
N TRP B 208 -21.70 3.34 -26.00
CA TRP B 208 -23.13 3.47 -26.29
C TRP B 208 -23.65 2.26 -27.07
N LYS B 209 -22.95 1.91 -28.14
CA LYS B 209 -23.40 0.87 -29.07
C LYS B 209 -23.09 -0.54 -28.59
N SER B 210 -22.35 -0.65 -27.48
CA SER B 210 -22.10 -1.94 -26.83
C SER B 210 -23.23 -2.35 -25.90
N LYS B 211 -24.19 -1.46 -25.68
CA LYS B 211 -25.39 -1.80 -24.92
C LYS B 211 -26.48 -2.29 -25.88
N LYS B 212 -27.41 -3.06 -25.32
CA LYS B 212 -28.61 -3.50 -26.04
C LYS B 212 -29.54 -2.30 -26.08
N CYS B 213 -29.90 -1.80 -24.89
CA CYS B 213 -30.76 -0.62 -24.76
C CYS B 213 -30.06 0.45 -23.90
N PRO B 214 -29.16 1.24 -24.51
CA PRO B 214 -28.35 2.19 -23.75
C PRO B 214 -29.16 3.32 -23.10
N MET B 215 -28.85 3.58 -21.83
CA MET B 215 -29.31 4.77 -21.11
C MET B 215 -28.12 5.49 -20.51
N GLY B 216 -28.09 6.80 -20.68
CA GLY B 216 -26.97 7.61 -20.20
C GLY B 216 -27.43 8.76 -19.32
N PHE B 217 -26.51 9.24 -18.49
CA PHE B 217 -26.72 10.47 -17.75
C PHE B 217 -25.39 11.09 -17.31
N SER B 218 -25.35 12.42 -17.25
CA SER B 218 -24.25 13.11 -16.64
C SER B 218 -24.69 13.46 -15.24
N TYR B 219 -23.73 13.57 -14.34
CA TYR B 219 -24.02 13.93 -12.98
C TYR B 219 -23.12 15.10 -12.66
N ASP B 220 -23.74 16.20 -12.26
CA ASP B 220 -23.00 17.40 -11.89
C ASP B 220 -23.06 17.51 -10.39
N THR B 221 -21.92 17.51 -9.74
CA THR B 221 -21.88 17.68 -8.31
C THR B 221 -21.81 19.17 -8.00
N ARG B 222 -22.50 19.58 -6.93
CA ARG B 222 -22.52 20.98 -6.51
C ARG B 222 -21.22 21.38 -5.83
N CYS B 223 -20.44 22.23 -6.51
CA CYS B 223 -19.16 22.76 -6.04
C CYS B 223 -18.03 21.73 -5.88
N PHE B 224 -18.35 20.55 -5.36
CA PHE B 224 -17.43 19.41 -5.35
C PHE B 224 -16.16 19.60 -4.54
N ASP B 225 -15.28 20.49 -5.01
CA ASP B 225 -14.08 20.83 -4.25
C ASP B 225 -14.47 21.01 -2.77
N SER B 226 -15.51 21.79 -2.51
CA SER B 226 -15.96 22.06 -1.14
C SER B 226 -16.60 20.84 -0.46
N THR B 227 -17.05 19.87 -1.25
CA THR B 227 -17.70 18.69 -0.70
C THR B 227 -16.68 17.64 -0.31
N VAL B 228 -15.48 17.73 -0.87
CA VAL B 228 -14.41 16.77 -0.58
C VAL B 228 -14.02 16.88 0.89
N THR B 229 -14.12 15.77 1.62
CA THR B 229 -13.88 15.78 3.07
C THR B 229 -12.44 15.44 3.44
N GLU B 230 -12.11 15.73 4.69
CA GLU B 230 -10.83 15.39 5.26
CA GLU B 230 -10.80 15.41 5.22
C GLU B 230 -10.59 13.88 5.14
N SER B 231 -11.64 13.10 5.34
CA SER B 231 -11.62 11.65 5.13
C SER B 231 -11.35 11.25 3.68
N ASP B 232 -12.04 11.87 2.73
CA ASP B 232 -11.77 11.66 1.29
C ASP B 232 -10.31 11.89 0.92
N ILE B 233 -9.70 12.88 1.57
CA ILE B 233 -8.32 13.26 1.27
C ILE B 233 -7.33 12.25 1.82
N ARG B 234 -7.61 11.70 3.01
CA ARG B 234 -6.79 10.63 3.54
C ARG B 234 -6.98 9.38 2.70
N VAL B 235 -8.22 9.11 2.32
CA VAL B 235 -8.49 7.96 1.51
C VAL B 235 -7.69 8.03 0.20
N GLU B 236 -7.61 9.22 -0.39
CA GLU B 236 -6.76 9.42 -1.54
C GLU B 236 -5.35 9.03 -1.20
N GLU B 237 -4.86 9.56 -0.09
CA GLU B 237 -3.47 9.31 0.31
C GLU B 237 -3.21 7.83 0.41
N SER B 238 -4.18 7.09 0.94
CA SER B 238 -4.05 5.67 1.12
C SER B 238 -3.92 4.98 -0.21
N ILE B 239 -4.48 5.58 -1.26
CA ILE B 239 -4.29 5.04 -2.60
C ILE B 239 -2.86 5.31 -3.08
N TYR B 240 -2.41 6.55 -3.01
CA TYR B 240 -1.06 6.92 -3.44
C TYR B 240 -0.03 5.99 -2.81
N GLN B 241 -0.15 5.82 -1.48
CA GLN B 241 0.80 5.04 -0.70
C GLN B 241 0.90 3.56 -1.10
N CYS B 242 0.03 3.07 -1.99
CA CYS B 242 0.19 1.73 -2.54
C CYS B 242 1.27 1.68 -3.61
N CYS B 243 1.70 2.84 -4.10
CA CYS B 243 2.76 2.89 -5.09
C CYS B 243 4.07 2.52 -4.44
N ASP B 244 4.99 1.93 -5.21
CA ASP B 244 6.36 1.79 -4.75
C ASP B 244 6.94 3.19 -4.79
N LEU B 245 7.48 3.63 -3.66
CA LEU B 245 7.94 5.00 -3.46
C LEU B 245 9.27 4.99 -2.75
N ALA B 246 10.11 5.94 -3.10
CA ALA B 246 11.31 6.20 -2.35
C ALA B 246 10.90 6.71 -0.96
N PRO B 247 11.73 6.45 0.05
CA PRO B 247 11.28 6.76 1.40
C PRO B 247 11.03 8.26 1.66
N GLU B 248 11.86 9.15 1.13
CA GLU B 248 11.63 10.60 1.30
C GLU B 248 10.39 11.04 0.55
N ALA B 249 10.12 10.39 -0.57
CA ALA B 249 8.88 10.62 -1.29
C ALA B 249 7.72 10.24 -0.41
N ARG B 250 7.81 9.09 0.21
CA ARG B 250 6.70 8.58 0.97
C ARG B 250 6.32 9.58 2.08
N GLN B 251 7.33 10.20 2.70
CA GLN B 251 7.11 11.13 3.80
C GLN B 251 6.63 12.48 3.30
N ALA B 252 7.09 12.90 2.13
CA ALA B 252 6.67 14.16 1.56
C ALA B 252 5.16 14.09 1.30
N ILE B 253 4.69 12.96 0.80
CA ILE B 253 3.27 12.74 0.59
C ILE B 253 2.49 12.75 1.90
N ARG B 254 3.06 12.14 2.93
CA ARG B 254 2.37 12.05 4.20
C ARG B 254 2.23 13.45 4.80
N SER B 255 3.36 14.14 4.92
CA SER B 255 3.42 15.51 5.41
C SER B 255 2.55 16.48 4.61
N LEU B 256 2.57 16.35 3.30
CA LEU B 256 1.76 17.20 2.43
C LEU B 256 0.26 16.99 2.64
N THR B 257 -0.11 15.73 2.84
CA THR B 257 -1.48 15.36 3.07
C THR B 257 -1.97 16.01 4.36
N GLU B 258 -1.18 15.93 5.43
CA GLU B 258 -1.62 16.50 6.70
C GLU B 258 -1.44 18.00 6.82
N ARG B 259 -0.50 18.57 6.07
CA ARG B 259 -0.16 19.97 6.26
C ARG B 259 -0.80 20.87 5.22
N LEU B 260 -1.27 20.31 4.12
CA LEU B 260 -1.72 21.13 3.00
C LEU B 260 -3.02 20.63 2.44
N TYR B 261 -3.05 19.37 2.03
CA TYR B 261 -4.19 18.86 1.34
C TYR B 261 -5.41 18.73 2.24
N ILE B 262 -5.27 18.24 3.45
CA ILE B 262 -6.40 18.14 4.38
CA ILE B 262 -6.44 18.14 4.35
C ILE B 262 -7.03 19.52 4.68
N GLY B 263 -6.21 20.55 4.78
CA GLY B 263 -6.71 21.90 5.10
C GLY B 263 -5.59 22.85 5.47
N GLY B 264 -5.93 24.01 6.03
CA GLY B 264 -4.93 24.98 6.46
C GLY B 264 -5.42 26.40 6.33
N PRO B 265 -4.65 27.36 6.86
CA PRO B 265 -5.19 28.73 6.89
C PRO B 265 -5.20 29.40 5.52
N LEU B 266 -6.08 30.39 5.36
CA LEU B 266 -6.19 31.14 4.12
C LEU B 266 -5.68 32.57 4.32
N THR B 267 -4.85 33.08 3.42
CA THR B 267 -4.22 34.39 3.57
C THR B 267 -4.44 35.22 2.29
N ASN B 268 -4.95 36.44 2.42
CA ASN B 268 -5.19 37.26 1.22
C ASN B 268 -3.91 37.89 0.66
N SER B 269 -4.05 38.62 -0.45
CA SER B 269 -2.89 39.24 -1.10
C SER B 269 -2.14 40.22 -0.22
N LYS B 270 -2.89 40.91 0.65
CA LYS B 270 -2.35 41.85 1.66
C LYS B 270 -1.66 41.19 2.87
N GLY B 271 -1.84 39.89 3.05
CA GLY B 271 -1.18 39.16 4.11
C GLY B 271 -2.00 39.02 5.39
N GLN B 272 -3.29 39.35 5.30
CA GLN B 272 -4.22 39.17 6.42
C GLN B 272 -4.80 37.76 6.40
N ASN B 273 -5.02 37.18 7.58
CA ASN B 273 -5.73 35.90 7.75
C ASN B 273 -7.24 36.02 7.45
N CYS B 274 -7.68 35.29 6.42
CA CYS B 274 -9.09 35.30 5.96
C CYS B 274 -9.96 34.24 6.61
N GLY B 275 -9.32 33.16 7.06
CA GLY B 275 -10.02 32.04 7.64
C GLY B 275 -9.28 30.74 7.38
N TYR B 276 -10.03 29.66 7.22
CA TYR B 276 -9.47 28.31 7.21
C TYR B 276 -10.24 27.36 6.30
N ARG B 277 -9.50 26.47 5.66
CA ARG B 277 -10.06 25.51 4.71
C ARG B 277 -10.01 24.12 5.32
N ARG B 278 -11.03 23.31 5.05
CA ARG B 278 -11.06 21.89 5.43
CA ARG B 278 -11.04 21.89 5.42
C ARG B 278 -11.61 21.08 4.26
N CYS B 279 -11.26 21.47 3.05
CA CYS B 279 -11.70 20.79 1.84
C CYS B 279 -10.66 20.95 0.74
N ARG B 280 -10.98 20.46 -0.46
CA ARG B 280 -10.05 20.49 -1.57
C ARG B 280 -9.56 21.87 -1.82
N ALA B 281 -8.24 22.03 -1.91
CA ALA B 281 -7.66 23.25 -2.46
C ALA B 281 -7.65 23.09 -3.96
N SER B 282 -8.09 24.11 -4.69
CA SER B 282 -8.19 24.03 -6.15
C SER B 282 -6.86 24.12 -6.88
N GLY B 283 -5.86 24.74 -6.24
CA GLY B 283 -4.57 25.03 -6.86
C GLY B 283 -3.39 24.34 -6.21
N VAL B 284 -3.53 23.02 -6.01
CA VAL B 284 -2.43 22.12 -5.67
C VAL B 284 -2.32 21.12 -6.80
N LEU B 285 -1.21 20.38 -6.82
CA LEU B 285 -0.90 19.44 -7.89
C LEU B 285 -1.90 18.30 -7.93
N THR B 286 -2.25 17.78 -6.77
CA THR B 286 -3.16 16.65 -6.63
C THR B 286 -4.63 16.94 -6.93
N THR B 287 -4.99 18.19 -7.24
CA THR B 287 -6.41 18.54 -7.40
C THR B 287 -7.16 17.67 -8.43
N SER B 288 -6.61 17.54 -9.63
CA SER B 288 -7.22 16.73 -10.69
C SER B 288 -7.23 15.23 -10.39
N CYS B 289 -6.09 14.70 -9.97
CA CYS B 289 -6.00 13.29 -9.66
C CYS B 289 -6.91 12.97 -8.47
N GLY B 290 -6.80 13.75 -7.41
CA GLY B 290 -7.64 13.58 -6.23
C GLY B 290 -9.13 13.64 -6.54
N ASN B 291 -9.55 14.64 -7.31
CA ASN B 291 -10.95 14.72 -7.70
C ASN B 291 -11.38 13.55 -8.57
N THR B 292 -10.56 13.19 -9.53
CA THR B 292 -10.89 12.11 -10.43
C THR B 292 -11.09 10.80 -9.64
N LEU B 293 -10.22 10.54 -8.67
CA LEU B 293 -10.29 9.30 -7.89
C LEU B 293 -11.47 9.29 -6.96
N THR B 294 -11.71 10.41 -6.30
CA THR B 294 -12.81 10.52 -5.36
C THR B 294 -14.17 10.41 -6.09
N CYS B 295 -14.28 11.07 -7.24
CA CYS B 295 -15.51 11.04 -8.02
C CYS B 295 -15.80 9.63 -8.51
N TYR B 296 -14.81 9.00 -9.14
CA TYR B 296 -14.89 7.62 -9.60
C TYR B 296 -15.31 6.71 -8.46
N LEU B 297 -14.58 6.82 -7.36
CA LEU B 297 -14.82 5.98 -6.18
C LEU B 297 -16.28 6.06 -5.74
N LYS B 298 -16.74 7.27 -5.45
CA LYS B 298 -18.12 7.47 -4.97
C LYS B 298 -19.17 7.07 -6.01
N ALA B 299 -18.88 7.36 -7.28
CA ALA B 299 -19.82 7.07 -8.37
C ALA B 299 -19.87 5.58 -8.66
N THR B 300 -18.75 4.89 -8.58
CA THR B 300 -18.77 3.45 -8.76
C THR B 300 -19.60 2.74 -7.70
N ALA B 301 -19.51 3.19 -6.44
CA ALA B 301 -20.27 2.56 -5.35
C ALA B 301 -21.73 2.95 -5.43
N ALA B 302 -21.99 4.23 -5.70
CA ALA B 302 -23.36 4.72 -5.88
C ALA B 302 -24.06 3.93 -6.97
N CYS B 303 -23.40 3.76 -8.11
CA CYS B 303 -23.91 2.86 -9.15
C CYS B 303 -24.32 1.49 -8.60
N ARG B 304 -23.55 0.92 -7.67
CA ARG B 304 -23.89 -0.41 -7.10
C ARG B 304 -25.06 -0.35 -6.12
N ALA B 305 -25.15 0.71 -5.32
CA ALA B 305 -26.29 0.89 -4.42
C ALA B 305 -27.60 1.04 -5.22
N ALA B 306 -27.48 1.68 -6.38
CA ALA B 306 -28.60 1.97 -7.27
C ALA B 306 -29.06 0.76 -8.07
N LYS B 307 -28.22 -0.27 -8.12
CA LYS B 307 -28.47 -1.49 -8.89
C LYS B 307 -28.54 -1.21 -10.39
N LEU B 308 -27.70 -0.28 -10.86
CA LEU B 308 -27.58 -0.05 -12.29
C LEU B 308 -26.80 -1.20 -12.94
N GLN B 309 -27.25 -1.65 -14.11
CA GLN B 309 -26.66 -2.81 -14.79
C GLN B 309 -25.63 -2.39 -15.83
N ASP B 310 -24.51 -3.10 -15.89
CA ASP B 310 -23.49 -2.88 -16.92
C ASP B 310 -23.03 -1.43 -17.04
N CYS B 311 -22.63 -0.84 -15.91
CA CYS B 311 -22.16 0.54 -15.90
C CYS B 311 -20.79 0.68 -16.55
N THR B 312 -20.65 1.71 -17.38
CA THR B 312 -19.35 2.16 -17.86
C THR B 312 -19.23 3.66 -17.63
N MET B 313 -18.34 4.06 -16.74
CA MET B 313 -18.17 5.45 -16.38
C MET B 313 -17.04 6.10 -17.17
N LEU B 314 -17.12 7.42 -17.31
CA LEU B 314 -16.02 8.21 -17.86
C LEU B 314 -15.90 9.47 -17.04
N VAL B 315 -14.72 9.65 -16.46
CA VAL B 315 -14.50 10.62 -15.38
C VAL B 315 -13.31 11.48 -15.73
N ASN B 316 -13.48 12.79 -15.55
CA ASN B 316 -12.44 13.79 -15.74
C ASN B 316 -12.55 14.74 -14.58
N GLY B 317 -11.72 14.61 -13.55
CA GLY B 317 -11.92 15.40 -12.33
C GLY B 317 -13.34 15.19 -11.79
N ASP B 318 -14.01 16.28 -11.41
CA ASP B 318 -15.38 16.21 -10.88
C ASP B 318 -16.42 16.13 -11.99
N ASP B 319 -15.98 15.94 -13.22
CA ASP B 319 -16.91 15.72 -14.33
C ASP B 319 -17.19 14.23 -14.53
N LEU B 320 -18.47 13.87 -14.56
CA LEU B 320 -18.89 12.46 -14.60
C LEU B 320 -20.00 12.17 -15.60
N VAL B 321 -19.83 11.10 -16.36
CA VAL B 321 -20.90 10.52 -17.18
C VAL B 321 -20.99 9.00 -16.95
N VAL B 322 -22.21 8.49 -16.84
CA VAL B 322 -22.46 7.06 -16.74
C VAL B 322 -23.31 6.64 -17.93
N ILE B 323 -22.96 5.51 -18.54
CA ILE B 323 -23.79 4.88 -19.58
C ILE B 323 -24.04 3.43 -19.18
N CYS B 324 -25.30 2.98 -19.29
CA CYS B 324 -25.66 1.65 -18.78
C CYS B 324 -26.82 0.99 -19.52
N GLU B 325 -27.13 -0.26 -19.15
CA GLU B 325 -28.28 -0.98 -19.70
C GLU B 325 -29.54 -0.47 -19.04
N SER B 326 -30.55 -0.15 -19.85
CA SER B 326 -31.80 0.40 -19.33
C SER B 326 -32.67 -0.71 -18.76
N ALA B 327 -33.26 -0.44 -17.59
CA ALA B 327 -34.18 -1.36 -16.92
C ALA B 327 -35.64 -1.11 -17.29
N GLY B 328 -35.89 -0.16 -18.19
CA GLY B 328 -37.24 0.32 -18.49
C GLY B 328 -37.34 1.79 -18.16
N THR B 329 -38.17 2.52 -18.90
CA THR B 329 -38.20 3.99 -18.82
C THR B 329 -38.32 4.49 -17.39
N GLN B 330 -39.24 3.92 -16.61
CA GLN B 330 -39.49 4.42 -15.26
C GLN B 330 -38.63 3.77 -14.18
N GLU B 331 -38.23 2.52 -14.41
CA GLU B 331 -37.29 1.84 -13.52
C GLU B 331 -35.97 2.59 -13.50
N ASP B 332 -35.53 3.02 -14.68
CA ASP B 332 -34.38 3.92 -14.80
C ASP B 332 -34.49 5.09 -13.83
N ALA B 333 -35.55 5.88 -13.98
CA ALA B 333 -35.73 7.11 -13.21
C ALA B 333 -35.61 6.87 -11.72
N ALA B 334 -36.15 5.74 -11.26
CA ALA B 334 -36.13 5.39 -9.84
C ALA B 334 -34.70 5.10 -9.37
N ALA B 335 -33.92 4.45 -10.23
CA ALA B 335 -32.54 4.11 -9.90
C ALA B 335 -31.64 5.33 -9.92
N LEU B 336 -31.90 6.27 -10.84
CA LEU B 336 -31.11 7.50 -10.91
C LEU B 336 -31.32 8.35 -9.67
N ARG B 337 -32.53 8.28 -9.12
CA ARG B 337 -32.87 8.95 -7.87
C ARG B 337 -32.12 8.32 -6.69
N ALA B 338 -32.01 6.99 -6.73
CA ALA B 338 -31.29 6.24 -5.71
C ALA B 338 -29.80 6.55 -5.76
N PHE B 339 -29.27 6.64 -6.97
CA PHE B 339 -27.86 6.93 -7.17
C PHE B 339 -27.52 8.24 -6.48
N THR B 340 -28.32 9.27 -6.74
CA THR B 340 -28.12 10.58 -6.16
C THR B 340 -28.16 10.53 -4.62
N GLU B 341 -29.08 9.77 -4.05
CA GLU B 341 -29.17 9.75 -2.59
C GLU B 341 -27.95 9.08 -1.98
N ALA B 342 -27.44 8.04 -2.65
CA ALA B 342 -26.15 7.44 -2.26
C ALA B 342 -24.99 8.44 -2.39
N MET B 343 -24.83 9.08 -3.55
CA MET B 343 -23.78 10.10 -3.71
C MET B 343 -23.94 11.20 -2.69
N THR B 344 -25.17 11.49 -2.29
CA THR B 344 -25.44 12.53 -1.29
C THR B 344 -24.99 12.07 0.08
N ARG B 345 -25.25 10.82 0.42
CA ARG B 345 -24.71 10.20 1.63
C ARG B 345 -23.17 10.16 1.61
N TYR B 346 -22.59 9.96 0.42
CA TYR B 346 -21.13 9.97 0.24
C TYR B 346 -20.53 11.39 0.19
N SER B 347 -21.36 12.40 0.49
CA SER B 347 -20.94 13.81 0.52
C SER B 347 -20.62 14.36 -0.86
N ALA B 348 -21.60 14.22 -1.75
CA ALA B 348 -21.49 14.70 -3.12
C ALA B 348 -22.88 14.96 -3.67
N PRO B 349 -23.56 15.97 -3.11
CA PRO B 349 -24.90 16.28 -3.62
C PRO B 349 -24.87 16.92 -5.01
N PRO B 350 -25.94 16.72 -5.79
CA PRO B 350 -26.03 17.26 -7.15
C PRO B 350 -26.29 18.76 -7.19
N GLY B 351 -25.85 19.42 -8.27
CA GLY B 351 -26.24 20.80 -8.54
C GLY B 351 -27.70 20.84 -8.97
N ASP B 352 -27.95 20.34 -10.17
CA ASP B 352 -29.32 20.11 -10.63
C ASP B 352 -29.56 18.62 -10.83
N PRO B 353 -30.78 18.14 -10.50
CA PRO B 353 -31.03 16.69 -10.53
C PRO B 353 -30.57 16.04 -11.83
N PRO B 354 -30.00 14.84 -11.73
CA PRO B 354 -29.52 14.24 -12.96
C PRO B 354 -30.69 13.68 -13.73
N GLN B 355 -30.51 13.49 -15.03
CA GLN B 355 -31.61 13.08 -15.87
C GLN B 355 -31.20 12.07 -16.91
N PRO B 356 -32.02 11.02 -17.08
CA PRO B 356 -31.67 9.95 -17.99
C PRO B 356 -31.91 10.36 -19.45
N GLU B 357 -30.88 10.22 -20.27
CA GLU B 357 -30.99 10.46 -21.69
C GLU B 357 -30.98 9.12 -22.42
N TYR B 358 -31.69 9.05 -23.54
CA TYR B 358 -31.70 7.88 -24.42
C TYR B 358 -31.16 8.21 -25.82
N ASP B 359 -30.59 9.41 -25.96
CA ASP B 359 -29.92 9.82 -27.19
C ASP B 359 -28.51 10.25 -26.81
N LEU B 360 -27.49 9.69 -27.45
CA LEU B 360 -26.13 10.03 -27.08
C LEU B 360 -25.86 11.53 -27.24
N GLU B 361 -26.35 12.13 -28.32
CA GLU B 361 -26.19 13.57 -28.60
C GLU B 361 -26.66 14.47 -27.42
N LEU B 362 -27.65 14.01 -26.66
CA LEU B 362 -28.27 14.87 -25.63
C LEU B 362 -27.59 14.83 -24.25
N ILE B 363 -26.41 14.21 -24.16
CA ILE B 363 -25.68 14.15 -22.89
C ILE B 363 -24.50 15.11 -22.95
N THR B 364 -24.34 15.95 -21.93
CA THR B 364 -23.30 16.97 -21.91
C THR B 364 -22.19 16.64 -20.88
N SER B 365 -20.93 16.65 -21.35
CA SER B 365 -19.72 16.45 -20.52
C SER B 365 -18.46 16.30 -21.42
N CYS B 366 -17.32 16.89 -21.11
CA CYS B 366 -17.12 17.94 -20.10
C CYS B 366 -17.59 19.21 -20.79
N SER B 367 -18.81 19.65 -20.48
CA SER B 367 -19.48 20.74 -21.21
C SER B 367 -19.64 20.49 -22.73
N SER B 368 -19.34 19.27 -23.20
CA SER B 368 -19.35 18.94 -24.63
C SER B 368 -20.40 17.90 -24.95
N ASN B 369 -20.76 17.78 -26.22
CA ASN B 369 -21.61 16.71 -26.69
C ASN B 369 -21.17 16.19 -28.04
N VAL B 370 -21.59 14.97 -28.31
CA VAL B 370 -21.28 14.33 -29.56
C VAL B 370 -22.23 14.89 -30.60
N SER B 371 -21.72 15.18 -31.80
CA SER B 371 -22.59 15.47 -32.95
C SER B 371 -22.04 14.75 -34.17
N VAL B 372 -22.80 14.81 -35.26
CA VAL B 372 -22.46 14.09 -36.48
C VAL B 372 -22.42 15.01 -37.69
N ALA B 373 -21.57 14.64 -38.64
CA ALA B 373 -21.48 15.32 -39.94
C ALA B 373 -20.95 14.28 -40.90
N HIS B 374 -20.62 14.68 -42.14
CA HIS B 374 -20.07 13.74 -43.12
C HIS B 374 -18.79 14.32 -43.72
N ASP B 375 -17.90 13.43 -44.17
CA ASP B 375 -16.64 13.84 -44.82
C ASP B 375 -16.80 13.90 -46.35
N ALA B 376 -15.68 14.15 -47.06
CA ALA B 376 -15.70 14.29 -48.53
C ALA B 376 -16.24 13.06 -49.25
N SER B 377 -15.97 11.88 -48.70
CA SER B 377 -16.49 10.62 -49.28
C SER B 377 -18.00 10.49 -49.07
N GLY B 378 -18.50 11.06 -47.98
CA GLY B 378 -19.92 11.13 -47.72
C GLY B 378 -20.41 10.28 -46.57
N LYS B 379 -19.49 9.66 -45.83
CA LYS B 379 -19.89 8.82 -44.71
C LYS B 379 -19.89 9.62 -43.41
N ARG B 380 -20.68 9.13 -42.45
CA ARG B 380 -20.88 9.78 -41.16
C ARG B 380 -19.64 9.67 -40.29
N VAL B 381 -19.13 10.81 -39.82
CA VAL B 381 -18.12 10.78 -38.76
C VAL B 381 -18.74 11.45 -37.55
N TYR B 382 -18.36 11.00 -36.35
CA TYR B 382 -18.78 11.66 -35.14
C TYR B 382 -17.68 12.61 -34.70
N TYR B 383 -18.07 13.62 -33.92
CA TYR B 383 -17.15 14.65 -33.49
C TYR B 383 -17.75 15.33 -32.28
N LEU B 384 -16.91 16.11 -31.60
CA LEU B 384 -17.21 16.68 -30.30
C LEU B 384 -17.36 18.20 -30.41
N THR B 385 -18.50 18.71 -29.92
CA THR B 385 -18.81 20.12 -30.02
C THR B 385 -19.40 20.61 -28.72
N ARG B 386 -19.75 21.89 -28.68
CA ARG B 386 -20.42 22.49 -27.52
C ARG B 386 -21.06 23.82 -27.93
N ASP B 387 -21.91 24.33 -27.03
CA ASP B 387 -22.45 25.69 -27.15
C ASP B 387 -21.24 26.62 -27.25
N PRO B 388 -21.16 27.42 -28.33
CA PRO B 388 -20.01 28.31 -28.57
C PRO B 388 -20.08 29.68 -27.89
N THR B 389 -21.09 29.89 -27.05
CA THR B 389 -21.26 31.20 -26.40
C THR B 389 -20.01 31.61 -25.62
N THR B 390 -19.58 30.77 -24.70
CA THR B 390 -18.40 31.09 -23.89
C THR B 390 -17.13 31.17 -24.74
N PRO B 391 -16.82 30.12 -25.53
CA PRO B 391 -15.72 30.30 -26.47
C PRO B 391 -15.73 31.64 -27.18
N LEU B 392 -16.86 32.04 -27.76
CA LEU B 392 -16.89 33.27 -28.57
C LEU B 392 -16.76 34.52 -27.70
N ALA B 393 -17.34 34.48 -26.50
CA ALA B 393 -17.23 35.61 -25.58
C ALA B 393 -15.79 35.84 -25.24
N ARG B 394 -15.12 34.77 -24.80
CA ARG B 394 -13.71 34.85 -24.46
C ARG B 394 -12.88 35.32 -25.63
N ALA B 395 -13.12 34.71 -26.79
CA ALA B 395 -12.42 35.06 -28.02
C ALA B 395 -12.48 36.59 -28.30
N ALA B 396 -13.60 37.21 -27.96
CA ALA B 396 -13.75 38.65 -28.16
C ALA B 396 -13.01 39.48 -27.10
N TRP B 397 -12.97 38.98 -25.87
CA TRP B 397 -12.25 39.65 -24.80
C TRP B 397 -10.75 39.67 -25.11
N GLU B 398 -10.25 38.54 -25.63
CA GLU B 398 -8.83 38.34 -25.87
C GLU B 398 -8.35 39.05 -27.13
N THR B 399 -9.29 39.46 -27.98
CA THR B 399 -8.99 40.35 -29.08
C THR B 399 -8.70 41.77 -28.56
N ALA B 400 -9.60 42.27 -27.71
CA ALA B 400 -9.53 43.67 -27.23
C ALA B 400 -8.44 43.90 -26.19
N ARG B 401 -8.16 42.90 -25.35
CA ARG B 401 -7.14 43.05 -24.30
C ARG B 401 -6.10 41.92 -24.38
N HIS B 402 -4.89 42.22 -23.90
CA HIS B 402 -3.82 41.22 -23.80
C HIS B 402 -4.07 40.28 -22.59
N THR B 403 -4.02 38.97 -22.87
CA THR B 403 -4.29 37.93 -21.88
C THR B 403 -3.05 37.03 -21.75
N PRO B 404 -2.81 36.45 -20.56
CA PRO B 404 -1.62 35.58 -20.46
C PRO B 404 -1.78 34.30 -21.30
N ILE B 405 -2.97 33.73 -21.23
CA ILE B 405 -3.36 32.52 -21.93
C ILE B 405 -4.42 32.86 -22.98
N ASN B 406 -4.33 32.24 -24.14
CA ASN B 406 -5.33 32.42 -25.19
C ASN B 406 -6.24 31.20 -25.20
N SER B 407 -7.49 31.34 -24.73
CA SER B 407 -8.48 30.26 -24.88
C SER B 407 -8.83 29.98 -26.34
N TRP B 408 -8.84 31.01 -27.18
CA TRP B 408 -9.19 30.82 -28.58
C TRP B 408 -8.32 29.77 -29.28
N LEU B 409 -7.04 29.76 -28.95
CA LEU B 409 -6.10 28.78 -29.51
C LEU B 409 -6.43 27.39 -29.01
N GLY B 410 -6.60 27.27 -27.70
CA GLY B 410 -7.05 26.02 -27.08
C GLY B 410 -8.33 25.50 -27.71
N ASN B 411 -9.26 26.40 -28.00
CA ASN B 411 -10.54 26.00 -28.52
C ASN B 411 -10.43 25.56 -29.97
N ILE B 412 -9.55 26.20 -30.73
CA ILE B 412 -9.29 25.76 -32.10
C ILE B 412 -8.71 24.35 -32.15
N ILE B 413 -7.85 24.00 -31.20
CA ILE B 413 -7.19 22.69 -31.21
C ILE B 413 -8.21 21.62 -30.83
N MET B 414 -8.85 21.83 -29.69
CA MET B 414 -9.80 20.85 -29.12
C MET B 414 -11.11 20.75 -29.88
N TYR B 415 -11.50 21.80 -30.61
CA TYR B 415 -12.76 21.82 -31.37
C TYR B 415 -12.59 22.17 -32.85
N ALA B 416 -11.40 21.89 -33.38
CA ALA B 416 -11.11 22.07 -34.82
C ALA B 416 -12.20 21.56 -35.78
N PRO B 417 -12.77 20.38 -35.53
CA PRO B 417 -13.76 19.91 -36.49
C PRO B 417 -15.14 20.54 -36.38
N THR B 418 -15.38 21.41 -35.38
CA THR B 418 -16.69 22.05 -35.25
C THR B 418 -16.89 23.14 -36.30
N LEU B 419 -18.14 23.26 -36.72
CA LEU B 419 -18.60 24.34 -37.60
C LEU B 419 -18.14 25.74 -37.14
N TRP B 420 -18.24 25.99 -35.85
CA TRP B 420 -18.07 27.36 -35.30
C TRP B 420 -16.62 27.76 -35.10
N ALA B 421 -15.78 26.76 -34.82
CA ALA B 421 -14.34 26.97 -34.69
C ALA B 421 -13.69 27.27 -36.03
N ARG B 422 -14.27 26.71 -37.10
CA ARG B 422 -13.69 26.82 -38.44
C ARG B 422 -14.10 28.10 -39.12
N MET B 423 -15.40 28.35 -39.17
CA MET B 423 -15.96 29.48 -39.89
C MET B 423 -15.72 30.81 -39.22
N ILE B 424 -15.63 30.80 -37.88
CA ILE B 424 -15.50 32.03 -37.09
C ILE B 424 -14.13 32.18 -36.45
N LEU B 425 -13.77 31.26 -35.55
CA LEU B 425 -12.54 31.41 -34.78
C LEU B 425 -11.28 31.44 -35.66
N MET B 426 -11.10 30.41 -36.49
CA MET B 426 -9.92 30.35 -37.35
C MET B 426 -9.87 31.61 -38.21
N THR B 427 -10.91 31.78 -39.03
CA THR B 427 -11.05 32.93 -39.91
C THR B 427 -10.65 34.25 -39.22
N HIS B 428 -11.35 34.57 -38.15
CA HIS B 428 -11.14 35.84 -37.43
C HIS B 428 -9.70 36.04 -36.96
N PHE B 429 -9.12 35.00 -36.35
CA PHE B 429 -7.80 35.14 -35.72
C PHE B 429 -6.63 35.13 -36.70
N PHE B 430 -6.68 34.26 -37.72
CA PHE B 430 -5.65 34.30 -38.78
C PHE B 430 -5.68 35.63 -39.54
N SER B 431 -6.85 36.27 -39.59
CA SER B 431 -6.96 37.63 -40.12
C SER B 431 -6.10 38.63 -39.34
N ILE B 432 -6.19 38.59 -38.00
CA ILE B 432 -5.43 39.52 -37.15
C ILE B 432 -3.93 39.26 -37.24
N LEU B 433 -3.57 37.99 -37.31
CA LEU B 433 -2.17 37.60 -37.32
C LEU B 433 -1.50 37.92 -38.66
N LEU B 434 -2.21 37.67 -39.77
CA LEU B 434 -1.69 38.10 -41.07
C LEU B 434 -1.37 39.58 -40.98
N ALA B 435 -2.40 40.36 -40.64
CA ALA B 435 -2.31 41.82 -40.58
C ALA B 435 -1.14 42.28 -39.71
N GLN B 436 -1.02 41.71 -38.51
CA GLN B 436 0.08 42.08 -37.59
C GLN B 436 1.44 41.39 -37.89
N GLU B 437 1.45 40.45 -38.83
CA GLU B 437 2.65 39.71 -39.26
C GLU B 437 3.24 38.81 -38.15
N GLN B 438 2.41 38.47 -37.16
CA GLN B 438 2.83 37.70 -35.99
C GLN B 438 2.44 36.23 -36.14
N LEU B 439 2.58 35.68 -37.33
CA LEU B 439 2.23 34.28 -37.56
C LEU B 439 3.23 33.38 -36.84
N GLU B 440 4.51 33.70 -36.98
CA GLU B 440 5.61 32.97 -36.34
C GLU B 440 5.55 32.92 -34.81
N LYS B 441 5.12 34.01 -34.18
CA LYS B 441 5.26 34.16 -32.72
C LYS B 441 4.52 33.04 -31.99
N ALA B 442 5.10 32.57 -30.88
CA ALA B 442 4.53 31.47 -30.11
C ALA B 442 3.56 31.99 -29.05
N LEU B 443 2.48 31.23 -28.83
CA LEU B 443 1.42 31.68 -27.94
C LEU B 443 1.05 30.62 -26.92
N ASP B 444 0.91 31.04 -25.67
CA ASP B 444 0.58 30.11 -24.60
C ASP B 444 -0.92 29.83 -24.64
N CYS B 445 -1.29 28.55 -24.59
CA CYS B 445 -2.68 28.14 -24.41
C CYS B 445 -2.73 27.01 -23.40
N GLN B 446 -3.89 26.43 -23.18
CA GLN B 446 -4.09 25.51 -22.06
C GLN B 446 -4.90 24.28 -22.47
N ILE B 447 -4.32 23.09 -22.38
CA ILE B 447 -5.04 21.86 -22.69
C ILE B 447 -5.16 20.99 -21.45
N TYR B 448 -6.39 20.71 -21.04
CA TYR B 448 -6.68 19.91 -19.84
C TYR B 448 -5.91 20.40 -18.58
N GLY B 449 -5.88 21.73 -18.41
CA GLY B 449 -5.26 22.34 -17.22
C GLY B 449 -3.79 22.72 -17.32
N ALA B 450 -3.08 22.13 -18.27
CA ALA B 450 -1.66 22.40 -18.45
C ALA B 450 -1.43 23.51 -19.48
N CYS B 451 -0.42 24.33 -19.25
CA CYS B 451 -0.02 25.34 -20.22
C CYS B 451 0.85 24.69 -21.30
N TYR B 452 0.61 25.09 -22.54
CA TYR B 452 1.42 24.66 -23.69
C TYR B 452 1.73 25.89 -24.55
N SER B 453 3.01 26.12 -24.85
CA SER B 453 3.37 27.14 -25.83
C SER B 453 3.20 26.56 -27.23
N ILE B 454 2.32 27.16 -28.05
CA ILE B 454 2.02 26.64 -29.39
C ILE B 454 2.33 27.67 -30.49
N GLU B 455 2.91 27.17 -31.59
CA GLU B 455 3.15 27.95 -32.81
C GLU B 455 1.95 27.77 -33.75
N PRO B 456 1.22 28.86 -34.04
CA PRO B 456 0.00 28.79 -34.87
C PRO B 456 0.20 28.13 -36.22
N LEU B 457 1.38 28.32 -36.82
CA LEU B 457 1.73 27.67 -38.09
C LEU B 457 1.57 26.15 -38.02
N ASP B 458 1.77 25.59 -36.84
CA ASP B 458 1.74 24.14 -36.71
C ASP B 458 0.33 23.55 -36.66
N LEU B 459 -0.70 24.40 -36.59
CA LEU B 459 -2.10 23.94 -36.35
C LEU B 459 -2.64 22.86 -37.33
N PRO B 460 -2.33 23.00 -38.63
CA PRO B 460 -2.76 21.93 -39.53
C PRO B 460 -2.23 20.56 -39.07
N GLN B 461 -0.93 20.49 -38.77
CA GLN B 461 -0.33 19.23 -38.30
C GLN B 461 -0.97 18.80 -37.00
N ILE B 462 -1.10 19.74 -36.05
CA ILE B 462 -1.68 19.40 -34.74
C ILE B 462 -3.07 18.83 -34.94
N ILE B 463 -3.88 19.54 -35.73
CA ILE B 463 -5.28 19.16 -35.95
C ILE B 463 -5.37 17.82 -36.68
N GLU B 464 -4.51 17.64 -37.69
CA GLU B 464 -4.44 16.37 -38.44
C GLU B 464 -4.23 15.20 -37.50
N ARG B 465 -3.32 15.35 -36.54
CA ARG B 465 -3.01 14.23 -35.64
C ARG B 465 -4.08 13.96 -34.59
N LEU B 466 -4.70 15.02 -34.06
CA LEU B 466 -5.76 14.87 -33.05
C LEU B 466 -7.11 14.40 -33.61
N HIS B 467 -7.50 14.93 -34.77
CA HIS B 467 -8.86 14.77 -35.29
C HIS B 467 -8.98 13.96 -36.59
N GLY B 468 -7.89 13.90 -37.36
CA GLY B 468 -7.91 13.28 -38.69
C GLY B 468 -7.97 14.34 -39.78
N LEU B 469 -8.01 13.92 -41.04
CA LEU B 469 -8.20 14.86 -42.14
C LEU B 469 -9.67 15.26 -42.27
N SER B 470 -10.58 14.41 -41.77
CA SER B 470 -12.01 14.69 -41.80
C SER B 470 -12.33 16.07 -41.17
N ALA B 471 -11.54 16.47 -40.19
CA ALA B 471 -11.64 17.81 -39.60
C ALA B 471 -11.42 18.96 -40.57
N PHE B 472 -11.04 18.65 -41.81
CA PHE B 472 -10.88 19.66 -42.87
C PHE B 472 -11.90 19.54 -43.99
N THR B 473 -12.53 18.38 -44.10
CA THR B 473 -13.44 18.09 -45.19
C THR B 473 -14.90 17.97 -44.71
N LEU B 474 -15.13 18.19 -43.42
CA LEU B 474 -16.47 18.00 -42.86
C LEU B 474 -17.49 18.97 -43.41
N HIS B 475 -18.73 18.49 -43.56
CA HIS B 475 -19.86 19.29 -44.03
C HIS B 475 -21.21 18.61 -43.72
N SER B 476 -22.31 19.28 -44.13
CA SER B 476 -23.66 18.79 -43.86
CA SER B 476 -23.67 18.83 -43.85
C SER B 476 -23.84 18.48 -42.36
N TYR B 477 -23.43 19.41 -41.52
CA TYR B 477 -23.58 19.29 -40.07
C TYR B 477 -25.06 19.16 -39.72
N SER B 478 -25.35 18.71 -38.51
CA SER B 478 -26.75 18.47 -38.12
C SER B 478 -27.54 19.78 -38.01
N PRO B 479 -28.86 19.72 -38.29
CA PRO B 479 -29.77 20.85 -38.11
C PRO B 479 -29.81 21.40 -36.70
N GLY B 480 -29.63 20.51 -35.72
CA GLY B 480 -29.60 20.92 -34.33
C GLY B 480 -28.38 21.76 -34.05
N GLU B 481 -27.23 21.30 -34.53
CA GLU B 481 -25.96 21.97 -34.25
C GLU B 481 -25.96 23.35 -34.92
N ILE B 482 -26.33 23.37 -36.19
CA ILE B 482 -26.44 24.62 -36.95
C ILE B 482 -27.38 25.61 -36.26
N ASN B 483 -28.58 25.17 -35.87
CA ASN B 483 -29.54 26.07 -35.21
C ASN B 483 -28.97 26.69 -33.95
N ARG B 484 -28.32 25.88 -33.11
CA ARG B 484 -27.72 26.39 -31.87
C ARG B 484 -26.59 27.41 -32.12
N VAL B 485 -25.87 27.29 -33.24
CA VAL B 485 -24.77 28.22 -33.50
C VAL B 485 -25.31 29.57 -33.92
N ALA B 486 -26.30 29.54 -34.80
CA ALA B 486 -26.96 30.73 -35.32
C ALA B 486 -27.74 31.45 -34.22
N SER B 487 -28.42 30.68 -33.36
CA SER B 487 -29.10 31.27 -32.20
C SER B 487 -28.11 32.08 -31.40
N CYS B 488 -26.93 31.51 -31.19
CA CYS B 488 -25.89 32.16 -30.40
C CYS B 488 -25.30 33.41 -31.07
N LEU B 489 -25.17 33.40 -32.40
CA LEU B 489 -24.66 34.59 -33.10
C LEU B 489 -25.62 35.77 -32.93
N ARG B 490 -26.90 35.55 -33.15
CA ARG B 490 -27.93 36.58 -32.89
C ARG B 490 -27.88 37.10 -31.45
N LYS B 491 -27.71 36.17 -30.51
CA LYS B 491 -27.66 36.49 -29.09
C LYS B 491 -26.46 37.37 -28.75
N LEU B 492 -25.35 37.15 -29.44
CA LEU B 492 -24.11 37.86 -29.18
C LEU B 492 -23.90 39.07 -30.08
N GLY B 493 -24.52 39.06 -31.26
CA GLY B 493 -24.32 40.12 -32.25
C GLY B 493 -23.06 39.89 -33.08
N VAL B 494 -22.80 38.63 -33.39
CA VAL B 494 -21.72 38.22 -34.28
C VAL B 494 -22.34 38.08 -35.65
N PRO B 495 -21.64 38.52 -36.70
CA PRO B 495 -22.16 38.33 -38.05
C PRO B 495 -22.55 36.87 -38.31
N PRO B 496 -23.68 36.66 -39.01
CA PRO B 496 -24.08 35.29 -39.36
C PRO B 496 -23.01 34.55 -40.14
N LEU B 497 -23.21 33.25 -40.33
CA LEU B 497 -22.19 32.38 -40.92
C LEU B 497 -21.85 32.69 -42.37
N ARG B 498 -22.86 32.99 -43.18
CA ARG B 498 -22.67 33.29 -44.62
C ARG B 498 -21.62 34.36 -44.88
N THR B 499 -21.56 35.35 -43.99
CA THR B 499 -20.69 36.49 -44.17
C THR B 499 -19.25 36.09 -43.93
N TRP B 500 -19.04 35.05 -43.12
CA TRP B 500 -17.71 34.60 -42.80
C TRP B 500 -17.00 33.96 -43.99
N ARG B 501 -17.74 33.27 -44.87
CA ARG B 501 -17.12 32.64 -46.04
C ARG B 501 -16.42 33.65 -46.93
N HIS B 502 -16.97 34.86 -46.99
CA HIS B 502 -16.38 35.97 -47.72
C HIS B 502 -15.02 36.34 -47.09
N ARG B 503 -15.02 36.63 -45.79
CA ARG B 503 -13.80 37.05 -45.05
C ARG B 503 -12.69 35.99 -45.14
N ALA B 504 -13.11 34.73 -45.05
CA ALA B 504 -12.19 33.60 -45.10
C ALA B 504 -11.48 33.45 -46.44
N ARG B 505 -12.19 33.71 -47.56
CA ARG B 505 -11.59 33.53 -48.89
C ARG B 505 -10.42 34.49 -49.16
N SER B 506 -10.51 35.73 -48.67
CA SER B 506 -9.43 36.70 -48.84
C SER B 506 -8.26 36.40 -47.89
N VAL B 507 -8.59 36.09 -46.63
CA VAL B 507 -7.58 35.65 -45.65
C VAL B 507 -6.82 34.42 -46.18
N ARG B 508 -7.55 33.45 -46.71
CA ARG B 508 -6.96 32.27 -47.33
C ARG B 508 -5.98 32.63 -48.44
N ALA B 509 -6.38 33.57 -49.30
CA ALA B 509 -5.54 33.96 -50.44
C ALA B 509 -4.31 34.76 -50.00
N LYS B 510 -4.43 35.50 -48.89
CA LYS B 510 -3.27 36.15 -48.27
C LYS B 510 -2.28 35.14 -47.69
N LEU B 511 -2.77 33.96 -47.32
CA LEU B 511 -1.92 32.90 -46.75
C LEU B 511 -1.10 32.16 -47.80
N LEU B 512 -1.63 32.05 -49.03
CA LEU B 512 -0.85 31.50 -50.14
C LEU B 512 0.17 32.54 -50.58
N SER B 513 -0.32 33.70 -50.97
CA SER B 513 0.50 34.86 -51.36
C SER B 513 1.42 35.30 -50.22
N GLY B 515 3.25 33.43 -48.02
CA GLY B 515 4.29 32.62 -48.64
C GLY B 515 4.01 31.13 -48.50
N GLY B 516 4.44 30.55 -47.38
CA GLY B 516 4.20 29.12 -47.07
C GLY B 516 5.53 28.43 -46.84
N ARG B 517 5.64 27.50 -45.90
CA ARG B 517 4.52 26.80 -45.23
C ARG B 517 3.76 27.66 -44.21
N ALA B 518 2.51 27.94 -44.56
CA ALA B 518 1.68 28.98 -43.96
C ALA B 518 0.50 29.09 -44.92
N ALA B 519 0.82 29.02 -46.21
CA ALA B 519 -0.11 28.56 -47.23
C ALA B 519 -0.75 27.25 -46.80
N THR B 520 0.08 26.35 -46.27
CA THR B 520 -0.37 25.10 -45.64
C THR B 520 -1.61 25.32 -44.77
N CYS B 521 -1.56 26.32 -43.88
CA CYS B 521 -2.74 26.74 -43.11
C CYS B 521 -3.87 27.13 -44.07
N GLY B 522 -3.55 28.00 -45.03
CA GLY B 522 -4.49 28.36 -46.09
C GLY B 522 -5.12 27.16 -46.76
N ARG B 523 -4.30 26.19 -47.16
CA ARG B 523 -4.77 25.07 -47.97
C ARG B 523 -5.62 24.04 -47.22
N TYR B 524 -5.36 23.84 -45.93
CA TYR B 524 -6.11 22.86 -45.12
C TYR B 524 -7.19 23.48 -44.23
N LEU B 525 -6.86 24.58 -43.56
CA LEU B 525 -7.77 25.20 -42.61
C LEU B 525 -8.97 25.85 -43.32
N PHE B 526 -8.70 26.57 -44.40
CA PHE B 526 -9.72 27.37 -45.08
C PHE B 526 -10.28 26.79 -46.39
N ASN B 527 -10.27 25.46 -46.52
CA ASN B 527 -10.71 24.82 -47.75
C ASN B 527 -12.23 24.89 -47.95
N TRP B 528 -12.98 24.60 -46.90
CA TRP B 528 -14.44 24.78 -46.88
C TRP B 528 -14.94 26.09 -47.52
N ALA B 529 -14.09 27.13 -47.52
CA ALA B 529 -14.49 28.45 -47.99
C ALA B 529 -14.56 28.58 -49.52
N VAL B 530 -13.76 27.80 -50.24
CA VAL B 530 -13.66 27.95 -51.71
C VAL B 530 -14.55 26.98 -52.49
N ARG B 531 -15.15 27.52 -53.55
CA ARG B 531 -15.73 26.69 -54.61
C ARG B 531 -14.51 26.20 -55.37
N THR B 532 -14.56 24.95 -55.81
CA THR B 532 -13.45 24.27 -56.52
C THR B 532 -12.29 24.03 -55.57
N LYS B 533 -11.60 22.91 -55.80
CA LYS B 533 -10.60 22.40 -54.86
C LYS B 533 -11.33 21.82 -53.64
N LEU B 534 -10.70 20.91 -52.89
CA LEU B 534 -9.35 20.39 -53.13
C LEU B 534 -9.29 18.96 -52.62
N LYS B 535 -8.39 18.16 -53.20
CA LYS B 535 -8.18 16.78 -52.77
C LYS B 535 -6.87 16.67 -51.96
N LEU B 536 -6.73 17.59 -51.00
CA LEU B 536 -5.55 17.71 -50.13
C LEU B 536 -5.02 16.42 -49.47
N THR B 537 -3.70 16.37 -49.31
CA THR B 537 -3.01 15.18 -48.78
C THR B 537 -2.40 15.44 -47.40
N PRO B 538 -2.23 14.40 -46.59
CA PRO B 538 -1.70 14.54 -45.21
C PRO B 538 -0.19 14.81 -45.13
N ILE B 539 0.24 15.55 -44.11
CA ILE B 539 1.52 16.31 -44.14
C ILE B 539 2.74 15.51 -43.54
N PRO B 540 3.23 15.85 -42.32
CA PRO B 540 4.01 14.90 -41.54
C PRO B 540 3.57 14.83 -40.05
N LEU B 547 3.54 14.77 -29.39
CA LEU B 547 2.15 14.80 -28.92
C LEU B 547 1.86 13.64 -27.95
N SER B 548 2.81 13.46 -27.05
CA SER B 548 2.85 12.36 -26.12
C SER B 548 3.99 12.84 -25.25
N GLY B 549 3.69 13.43 -24.09
CA GLY B 549 2.41 13.28 -23.43
C GLY B 549 1.40 14.41 -23.54
N TRP B 550 0.50 14.30 -24.50
CA TRP B 550 -0.58 15.26 -24.59
C TRP B 550 -1.80 14.79 -23.85
N PHE B 551 -2.19 13.56 -24.06
CA PHE B 551 -3.42 13.08 -23.45
C PHE B 551 -3.08 11.90 -22.56
N VAL B 552 -2.44 12.25 -21.45
CA VAL B 552 -1.95 11.32 -20.45
C VAL B 552 -2.65 11.58 -19.13
N ALA B 553 -2.69 12.84 -18.70
CA ALA B 553 -3.34 13.18 -17.42
C ALA B 553 -3.84 14.62 -17.35
N GLY B 554 -4.69 14.90 -16.36
CA GLY B 554 -5.22 16.25 -16.11
C GLY B 554 -4.44 17.00 -15.05
N TYR B 555 -4.16 18.28 -15.28
CA TYR B 555 -3.30 19.07 -14.38
C TYR B 555 -3.91 20.41 -13.99
N SER B 556 -5.23 20.48 -13.89
CA SER B 556 -5.91 21.75 -13.65
C SER B 556 -5.67 22.20 -12.21
N GLY B 557 -5.07 23.38 -12.08
CA GLY B 557 -4.62 23.91 -10.78
C GLY B 557 -3.18 23.52 -10.39
N GLY B 558 -2.53 22.74 -11.25
CA GLY B 558 -1.25 22.12 -10.89
C GLY B 558 0.02 22.84 -11.29
N ASP B 559 -0.10 24.03 -11.87
CA ASP B 559 1.08 24.82 -12.19
C ASP B 559 2.02 24.00 -13.08
N ILE B 560 1.49 23.38 -14.11
CA ILE B 560 2.31 22.61 -15.06
C ILE B 560 2.53 23.34 -16.39
N TYR B 561 3.74 23.18 -16.93
CA TYR B 561 4.11 23.78 -18.21
C TYR B 561 4.92 22.77 -19.02
N HIS B 562 4.76 22.82 -20.34
CA HIS B 562 5.45 21.89 -21.22
C HIS B 562 6.02 22.54 -22.49
C1 CAQ C . 12.92 -8.67 26.71
C2 CAQ C . 12.18 -8.14 25.65
C3 CAQ C . 12.56 -8.42 24.33
O3 CAQ C . 11.89 -7.94 23.24
C4 CAQ C . 13.66 -9.21 24.06
O4 CAQ C . 13.93 -9.43 22.74
C5 CAQ C . 14.41 -9.75 25.11
C6 CAQ C . 14.04 -9.48 26.44
#